data_2WKW
#
_entry.id   2WKW
#
_cell.length_a   57.597
_cell.length_b   115.811
_cell.length_c   131.144
_cell.angle_alpha   90.00
_cell.angle_beta   90.00
_cell.angle_gamma   90.00
#
_symmetry.space_group_name_H-M   'P 21 21 21'
#
loop_
_entity.id
_entity.type
_entity.pdbx_description
1 polymer CARBOXYLESTERASE
2 non-polymer '[(2S)-4-methyl-3-oxo-2,3,4,5-tetrahydro-1H-1,4-benzodiazepin-2-yl]acetic acid'
3 non-polymer 'SULFATE ION'
4 non-polymer GLYCEROL
5 water water
#
_entity_poly.entity_id   1
_entity_poly.type   'polypeptide(L)'
_entity_poly.pdbx_seq_one_letter_code
;APPPVPKTPAGPLTLSGQGSFFVGGRDVTSETLSLSPKYDAHGTVTVDQMYVRYQIPQRAKRYPITLIHGCCLTGMTWET
TPDGRMGWDEYFLRKGYSTYVIDQSGRGRSATDISAINAVKLGKAPASSLPDLFAAGHEAAWAIFRFGPRYPDAFKDTQF
PVQAQAELWQQMVPDWLGSMPTPNPTVANLSKLAIKLDGTVLLSHSQSGIYPFQTAAMNPKGITAIVSVEPGECPKPEDV
KPLTSIPVLVVFGDHIEEFPRWAPRLKACHAFIDALNAAGGKGQLMSLPALGVHGNSHMMMQDRNNLQVADLILDWIGRN
TAKPAHGR
;
_entity_poly.pdbx_strand_id   A,B
#
loop_
_chem_comp.id
_chem_comp.type
_chem_comp.name
_chem_comp.formula
GOL non-polymer GLYCEROL 'C3 H8 O3'
SO4 non-polymer 'SULFATE ION' 'O4 S -2'
W22 non-polymer '[(2S)-4-methyl-3-oxo-2,3,4,5-tetrahydro-1H-1,4-benzodiazepin-2-yl]acetic acid' 'C12 H14 N2 O3'
#
# COMPACT_ATOMS: atom_id res chain seq x y z
N THR A 8 23.28 3.83 14.37
CA THR A 8 22.03 3.10 14.01
C THR A 8 21.72 2.04 15.07
N PRO A 9 20.50 2.12 15.67
CA PRO A 9 20.08 1.14 16.69
C PRO A 9 19.99 -0.30 16.14
N ALA A 10 20.77 -1.22 16.72
CA ALA A 10 20.81 -2.61 16.25
C ALA A 10 19.86 -3.51 17.06
N GLY A 11 19.76 -4.78 16.65
CA GLY A 11 19.01 -5.77 17.42
C GLY A 11 17.52 -5.76 17.14
N PRO A 12 16.77 -6.60 17.87
CA PRO A 12 15.34 -6.79 17.60
C PRO A 12 14.48 -5.62 18.04
N LEU A 13 13.24 -5.60 17.57
CA LEU A 13 12.31 -4.58 17.97
C LEU A 13 11.03 -5.22 18.47
N THR A 14 10.56 -4.78 19.64
CA THR A 14 9.38 -5.35 20.25
C THR A 14 8.24 -4.35 20.13
N LEU A 15 7.10 -4.87 19.68
CA LEU A 15 5.92 -4.06 19.48
C LEU A 15 4.87 -4.47 20.48
N SER A 16 4.35 -3.49 21.20
CA SER A 16 3.19 -3.72 22.02
C SER A 16 1.97 -4.03 21.14
N GLY A 17 1.88 -3.39 19.97
CA GLY A 17 0.79 -3.69 19.04
C GLY A 17 1.05 -3.24 17.61
N GLN A 18 0.32 -3.83 16.66
CA GLN A 18 0.33 -3.39 15.26
C GLN A 18 -1.02 -3.63 14.58
N GLY A 19 -1.31 -2.83 13.56
CA GLY A 19 -2.49 -3.07 12.75
C GLY A 19 -2.69 -2.06 11.64
N SER A 20 -3.83 -2.18 10.97
CA SER A 20 -4.23 -1.38 9.82
C SER A 20 -5.73 -1.12 9.88
N PHE A 21 -6.15 0.04 9.38
CA PHE A 21 -7.55 0.37 9.27
C PHE A 21 -7.67 1.52 8.29
N PHE A 22 -8.91 1.90 8.02
CA PHE A 22 -9.18 2.98 7.10
C PHE A 22 -9.94 4.07 7.81
N VAL A 23 -9.76 5.29 7.35
CA VAL A 23 -10.47 6.45 7.88
C VAL A 23 -11.29 7.06 6.76
N GLY A 24 -12.56 7.33 7.04
CA GLY A 24 -13.42 8.09 6.12
C GLY A 24 -13.88 7.30 4.90
N GLY A 25 -14.07 7.97 3.79
CA GLY A 25 -14.66 7.35 2.61
C GLY A 25 -16.10 7.80 2.41
N ARG A 26 -16.56 7.67 1.18
CA ARG A 26 -17.95 7.97 0.82
C ARG A 26 -18.33 6.92 -0.21
N ASP A 27 -19.59 6.54 -0.22
CA ASP A 27 -20.11 5.62 -1.23
C ASP A 27 -20.57 6.36 -2.48
N VAL A 28 -20.23 5.81 -3.65
CA VAL A 28 -20.58 6.36 -4.95
CA VAL A 28 -20.67 6.38 -4.92
C VAL A 28 -21.29 5.28 -5.77
N THR A 29 -22.44 5.60 -6.35
CA THR A 29 -23.12 4.67 -7.25
C THR A 29 -22.65 4.97 -8.66
N SER A 30 -22.18 3.96 -9.38
CA SER A 30 -21.61 4.16 -10.71
C SER A 30 -22.30 3.26 -11.73
N GLU A 31 -22.32 3.69 -12.99
CA GLU A 31 -22.88 2.86 -14.06
C GLU A 31 -21.78 2.22 -14.89
N THR A 32 -20.52 2.50 -14.55
CA THR A 32 -19.39 2.11 -15.43
C THR A 32 -18.21 1.42 -14.70
N LEU A 33 -18.54 0.55 -13.75
CA LEU A 33 -17.54 -0.12 -12.94
C LEU A 33 -16.79 -1.19 -13.73
N SER A 34 -17.39 -1.64 -14.82
CA SER A 34 -16.84 -2.72 -15.65
CA SER A 34 -16.79 -2.68 -15.64
C SER A 34 -17.12 -2.45 -17.12
N LEU A 35 -16.33 -3.09 -17.98
CA LEU A 35 -16.53 -3.07 -19.43
C LEU A 35 -17.14 -4.39 -19.89
N SER A 36 -17.18 -5.37 -19.00
CA SER A 36 -17.47 -6.77 -19.34
C SER A 36 -18.96 -7.11 -19.22
N PRO A 37 -19.46 -7.99 -20.12
CA PRO A 37 -20.84 -8.48 -20.02
C PRO A 37 -21.05 -9.42 -18.83
N LYS A 38 -19.96 -10.06 -18.38
CA LYS A 38 -19.98 -10.95 -17.22
C LYS A 38 -20.27 -10.17 -15.93
N TYR A 39 -19.46 -9.15 -15.66
CA TYR A 39 -19.50 -8.39 -14.41
C TYR A 39 -20.38 -7.13 -14.49
N ASP A 40 -21.18 -6.91 -13.45
CA ASP A 40 -22.15 -5.83 -13.46
C ASP A 40 -21.46 -4.47 -13.35
N ALA A 41 -21.65 -3.67 -14.40
CA ALA A 41 -21.11 -2.33 -14.48
C ALA A 41 -21.80 -1.38 -13.52
N HIS A 42 -23.03 -1.69 -13.10
CA HIS A 42 -23.73 -0.87 -12.10
C HIS A 42 -23.49 -1.37 -10.68
N GLY A 43 -23.13 -0.46 -9.77
CA GLY A 43 -22.93 -0.82 -8.36
C GLY A 43 -22.41 0.34 -7.55
N THR A 44 -22.19 0.09 -6.26
CA THR A 44 -21.71 1.13 -5.32
C THR A 44 -20.30 0.78 -4.90
N VAL A 45 -19.41 1.77 -4.94
CA VAL A 45 -18.04 1.61 -4.40
C VAL A 45 -17.75 2.67 -3.35
N THR A 46 -16.73 2.40 -2.52
CA THR A 46 -16.33 3.37 -1.52
C THR A 46 -15.04 4.00 -1.98
N VAL A 47 -14.99 5.34 -1.97
CA VAL A 47 -13.79 6.07 -2.41
C VAL A 47 -13.45 7.18 -1.42
N ASP A 48 -12.20 7.65 -1.49
CA ASP A 48 -11.65 8.72 -0.63
C ASP A 48 -11.20 8.29 0.78
N GLN A 49 -11.49 7.04 1.16
CA GLN A 49 -10.97 6.47 2.42
C GLN A 49 -9.45 6.53 2.42
N MET A 50 -8.88 6.63 3.61
CA MET A 50 -7.43 6.76 3.80
C MET A 50 -6.88 5.54 4.58
N TYR A 51 -5.99 4.79 3.93
CA TYR A 51 -5.26 3.66 4.56
C TYR A 51 -4.31 4.12 5.66
N VAL A 52 -4.34 3.45 6.82
CA VAL A 52 -3.45 3.78 7.94
C VAL A 52 -2.85 2.48 8.50
N ARG A 53 -1.52 2.45 8.59
CA ARG A 53 -0.81 1.33 9.20
C ARG A 53 -0.17 1.86 10.48
N TYR A 54 -0.45 1.21 11.61
CA TYR A 54 0.15 1.66 12.90
C TYR A 54 1.02 0.61 13.57
N GLN A 55 2.08 1.08 14.25
CA GLN A 55 2.88 0.25 15.12
C GLN A 55 3.08 0.96 16.45
N ILE A 56 2.98 0.20 17.52
CA ILE A 56 3.03 0.74 18.88
CA ILE A 56 3.01 0.74 18.89
C ILE A 56 4.19 0.09 19.63
N PRO A 57 5.20 0.89 20.02
CA PRO A 57 6.32 0.29 20.78
C PRO A 57 5.89 0.07 22.24
N GLN A 58 6.69 -0.66 23.01
CA GLN A 58 6.42 -0.79 24.45
C GLN A 58 6.66 0.54 25.11
N ARG A 59 5.89 0.82 26.17
CA ARG A 59 5.99 2.05 26.94
CA ARG A 59 6.06 2.06 26.93
C ARG A 59 6.01 3.26 25.99
N ALA A 60 5.06 3.25 25.05
CA ALA A 60 4.96 4.27 24.01
C ALA A 60 4.83 5.67 24.61
N LYS A 61 5.46 6.66 23.98
CA LYS A 61 5.28 8.06 24.39
C LYS A 61 3.84 8.51 24.19
N ARG A 62 3.45 9.58 24.89
CA ARG A 62 2.07 10.04 24.94
C ARG A 62 1.47 10.34 23.56
N TYR A 63 2.24 11.01 22.70
CA TYR A 63 1.76 11.42 21.38
C TYR A 63 2.39 10.58 20.26
N PRO A 64 1.56 9.89 19.47
CA PRO A 64 2.05 9.21 18.27
C PRO A 64 2.42 10.22 17.19
N ILE A 65 3.27 9.80 16.26
CA ILE A 65 3.58 10.61 15.10
C ILE A 65 2.84 10.01 13.90
N THR A 66 2.13 10.87 13.17
CA THR A 66 1.45 10.46 11.93
C THR A 66 2.28 10.95 10.73
N LEU A 67 2.72 10.00 9.91
CA LEU A 67 3.62 10.32 8.80
CA LEU A 67 3.62 10.31 8.79
C LEU A 67 2.86 10.38 7.48
N ILE A 68 3.00 11.51 6.77
CA ILE A 68 2.16 11.87 5.62
C ILE A 68 3.02 12.15 4.37
N HIS A 69 3.00 11.23 3.40
CA HIS A 69 3.87 11.34 2.21
C HIS A 69 3.39 12.45 1.27
N GLY A 70 4.23 12.79 0.30
CA GLY A 70 3.94 13.81 -0.73
C GLY A 70 3.42 13.25 -2.04
N CYS A 71 3.71 13.93 -3.15
CA CYS A 71 3.23 13.47 -4.45
C CYS A 71 3.98 12.25 -4.91
N CYS A 72 3.40 11.52 -5.85
CA CYS A 72 4.19 10.61 -6.70
C CYS A 72 4.80 9.46 -5.91
N LEU A 73 4.30 9.26 -4.68
CA LEU A 73 4.85 8.32 -3.70
C LEU A 73 3.75 7.80 -2.78
N THR A 74 4.10 6.84 -1.93
CA THR A 74 3.16 6.32 -0.93
C THR A 74 3.84 6.34 0.45
N GLY A 75 3.23 5.65 1.43
CA GLY A 75 3.80 5.51 2.79
C GLY A 75 5.13 4.75 2.78
N MET A 76 5.40 4.05 1.68
CA MET A 76 6.76 3.46 1.47
C MET A 76 7.86 4.53 1.67
N THR A 77 7.52 5.79 1.41
CA THR A 77 8.44 6.91 1.66
C THR A 77 9.26 6.74 2.93
N TRP A 78 8.57 6.35 4.01
CA TRP A 78 9.11 6.34 5.37
C TRP A 78 9.62 4.99 5.83
N GLU A 79 9.52 3.96 4.97
CA GLU A 79 9.88 2.60 5.33
C GLU A 79 11.39 2.40 5.00
N THR A 80 11.83 1.18 4.72
CA THR A 80 13.25 0.95 4.35
C THR A 80 13.67 1.94 3.25
N THR A 81 14.82 2.61 3.39
CA THR A 81 15.30 3.52 2.34
C THR A 81 15.59 2.74 1.03
N PRO A 82 15.67 3.44 -0.13
CA PRO A 82 15.96 2.75 -1.39
C PRO A 82 17.21 1.88 -1.35
N ASP A 83 18.20 2.27 -0.55
CA ASP A 83 19.45 1.53 -0.46
C ASP A 83 19.46 0.54 0.72
N GLY A 84 18.31 0.30 1.33
CA GLY A 84 18.16 -0.79 2.31
C GLY A 84 18.45 -0.47 3.77
N ARG A 85 18.47 0.82 4.14
CA ARG A 85 18.77 1.22 5.51
C ARG A 85 17.47 1.51 6.29
N MET A 86 17.57 1.57 7.61
CA MET A 86 16.43 1.91 8.47
C MET A 86 15.77 3.22 8.04
N GLY A 87 14.44 3.21 7.91
CA GLY A 87 13.67 4.45 7.61
C GLY A 87 13.17 5.12 8.88
N TRP A 88 12.53 6.27 8.76
CA TRP A 88 12.02 6.99 9.93
C TRP A 88 10.94 6.23 10.69
N ASP A 89 10.15 5.44 9.97
CA ASP A 89 9.08 4.71 10.62
C ASP A 89 9.67 3.78 11.70
N GLU A 90 10.56 2.88 11.31
CA GLU A 90 11.27 2.00 12.26
C GLU A 90 12.07 2.78 13.31
N TYR A 91 12.75 3.84 12.89
CA TYR A 91 13.53 4.65 13.81
C TYR A 91 12.67 5.31 14.89
N PHE A 92 11.54 5.89 14.50
CA PHE A 92 10.64 6.52 15.48
C PHE A 92 10.14 5.50 16.49
N LEU A 93 9.78 4.32 15.98
CA LEU A 93 9.34 3.20 16.83
CA LEU A 93 9.35 3.18 16.81
C LEU A 93 10.42 2.84 17.87
N ARG A 94 11.66 2.66 17.42
CA ARG A 94 12.80 2.38 18.30
C ARG A 94 13.06 3.50 19.31
N LYS A 95 12.65 4.74 19.00
CA LYS A 95 12.82 5.86 19.93
C LYS A 95 11.61 6.01 20.85
N GLY A 96 10.68 5.06 20.81
CA GLY A 96 9.55 5.07 21.72
C GLY A 96 8.28 5.76 21.23
N TYR A 97 8.23 6.14 19.94
CA TYR A 97 7.00 6.77 19.39
C TYR A 97 6.13 5.77 18.64
N SER A 98 4.84 5.77 18.95
CA SER A 98 3.85 5.09 18.11
C SER A 98 3.80 5.82 16.76
N THR A 99 3.69 5.07 15.67
CA THR A 99 3.67 5.66 14.34
C THR A 99 2.41 5.21 13.61
N TYR A 100 1.83 6.17 12.90
CA TYR A 100 0.70 5.94 12.02
C TYR A 100 1.13 6.37 10.62
N VAL A 101 1.33 5.39 9.73
CA VAL A 101 1.80 5.69 8.38
C VAL A 101 0.65 5.53 7.38
N ILE A 102 0.33 6.59 6.65
CA ILE A 102 -0.83 6.58 5.76
C ILE A 102 -0.45 6.38 4.29
N ASP A 103 -1.40 5.92 3.49
CA ASP A 103 -1.47 6.28 2.08
C ASP A 103 -2.55 7.35 1.92
N GLN A 104 -2.21 8.50 1.30
CA GLN A 104 -3.22 9.57 1.06
C GLN A 104 -4.46 8.98 0.39
N SER A 105 -5.64 9.60 0.61
CA SER A 105 -6.81 9.29 -0.20
C SER A 105 -6.38 9.30 -1.68
N GLY A 106 -6.86 8.31 -2.42
CA GLY A 106 -6.58 8.22 -3.86
C GLY A 106 -5.16 7.84 -4.24
N ARG A 107 -4.41 7.28 -3.30
CA ARG A 107 -3.02 6.84 -3.58
C ARG A 107 -2.73 5.50 -2.93
N GLY A 108 -1.86 4.69 -3.52
CA GLY A 108 -1.49 3.44 -2.86
C GLY A 108 -2.69 2.52 -2.58
N ARG A 109 -2.80 2.11 -1.31
CA ARG A 109 -3.85 1.19 -0.87
C ARG A 109 -5.20 1.89 -0.62
N SER A 110 -5.23 3.20 -0.83
CA SER A 110 -6.47 4.01 -0.68
C SER A 110 -7.15 4.19 -2.05
N ALA A 111 -8.38 3.67 -2.16
CA ALA A 111 -9.10 3.53 -3.47
C ALA A 111 -9.34 4.83 -4.23
N THR A 112 -9.06 4.76 -5.54
CA THR A 112 -9.56 5.74 -6.52
C THR A 112 -10.88 5.23 -7.12
N ASP A 113 -11.54 6.06 -7.91
CA ASP A 113 -12.73 5.71 -8.67
C ASP A 113 -12.29 5.67 -10.13
N ILE A 114 -12.36 4.50 -10.77
CA ILE A 114 -12.02 4.38 -12.21
C ILE A 114 -13.21 4.57 -13.16
N SER A 115 -14.36 4.96 -12.62
CA SER A 115 -15.60 5.08 -13.42
C SER A 115 -15.46 5.94 -14.66
N ALA A 116 -14.80 7.10 -14.52
CA ALA A 116 -14.66 8.04 -15.65
C ALA A 116 -13.81 7.47 -16.79
N ILE A 117 -12.81 6.66 -16.47
CA ILE A 117 -11.97 6.06 -17.51
C ILE A 117 -12.82 5.04 -18.32
N ASN A 118 -13.58 4.22 -17.61
CA ASN A 118 -14.43 3.23 -18.29
C ASN A 118 -15.53 3.86 -19.15
N ALA A 119 -16.11 4.95 -18.66
CA ALA A 119 -17.14 5.67 -19.40
C ALA A 119 -16.63 6.10 -20.79
N VAL A 120 -15.38 6.56 -20.87
CA VAL A 120 -14.81 7.00 -22.13
C VAL A 120 -14.53 5.80 -23.03
N LYS A 121 -13.95 4.74 -22.46
CA LYS A 121 -13.67 3.53 -23.25
C LYS A 121 -14.97 2.94 -23.82
N LEU A 122 -16.08 3.11 -23.08
CA LEU A 122 -17.39 2.63 -23.55
C LEU A 122 -18.08 3.55 -24.55
N GLY A 123 -17.40 4.65 -24.92
CA GLY A 123 -17.96 5.65 -25.84
C GLY A 123 -19.12 6.45 -25.22
N LYS A 124 -19.25 6.44 -23.89
CA LYS A 124 -20.38 7.15 -23.26
C LYS A 124 -20.04 8.59 -22.85
N ALA A 125 -18.75 8.89 -22.78
CA ALA A 125 -18.27 10.22 -22.39
C ALA A 125 -17.05 10.56 -23.21
N PRO A 126 -16.76 11.87 -23.37
CA PRO A 126 -15.63 12.28 -24.21
C PRO A 126 -14.28 12.20 -23.49
N ALA A 127 -13.20 12.20 -24.28
CA ALA A 127 -11.83 12.13 -23.74
C ALA A 127 -11.54 13.24 -22.71
N SER A 128 -12.14 14.41 -22.88
CA SER A 128 -11.92 15.53 -21.94
C SER A 128 -12.44 15.25 -20.52
N SER A 129 -13.32 14.25 -20.39
CA SER A 129 -13.88 13.90 -19.08
C SER A 129 -12.95 12.96 -18.30
N LEU A 130 -11.84 12.56 -18.93
CA LEU A 130 -10.86 11.68 -18.29
C LEU A 130 -10.22 12.41 -17.10
N PRO A 131 -9.87 11.66 -16.04
CA PRO A 131 -9.30 12.30 -14.85
C PRO A 131 -7.96 12.94 -15.15
N ASP A 132 -7.59 13.95 -14.36
CA ASP A 132 -6.31 14.63 -14.47
CA ASP A 132 -6.30 14.60 -14.50
C ASP A 132 -5.27 13.81 -13.67
N LEU A 133 -4.38 13.12 -14.38
CA LEU A 133 -3.41 12.21 -13.78
C LEU A 133 -2.00 12.70 -14.10
N PHE A 134 -1.06 12.39 -13.21
CA PHE A 134 0.32 12.80 -13.39
C PHE A 134 1.25 11.67 -12.94
N ALA A 135 2.38 11.50 -13.61
CA ALA A 135 3.45 10.63 -13.11
C ALA A 135 4.80 11.37 -13.24
N ALA A 136 5.66 11.24 -12.25
CA ALA A 136 6.96 11.94 -12.28
C ALA A 136 7.97 11.09 -13.03
N GLY A 137 8.54 11.63 -14.10
CA GLY A 137 9.67 10.96 -14.79
C GLY A 137 10.95 11.03 -13.98
N HIS A 138 11.86 10.07 -14.17
CA HIS A 138 13.14 10.02 -13.43
C HIS A 138 13.93 11.32 -13.58
N GLU A 139 14.00 11.81 -14.82
CA GLU A 139 14.81 12.98 -15.19
C GLU A 139 14.28 14.26 -14.52
N ALA A 140 12.98 14.49 -14.65
CA ALA A 140 12.35 15.63 -13.97
C ALA A 140 12.44 15.51 -12.43
N ALA A 141 12.24 14.31 -11.88
CA ALA A 141 12.30 14.12 -10.42
C ALA A 141 13.70 14.43 -9.84
N TRP A 142 14.73 14.05 -10.58
CA TRP A 142 16.12 14.30 -10.19
C TRP A 142 16.36 15.74 -9.79
N ALA A 143 15.83 16.66 -10.60
CA ALA A 143 16.02 18.10 -10.36
C ALA A 143 15.11 18.62 -9.26
N ILE A 144 13.87 18.15 -9.24
CA ILE A 144 12.94 18.54 -8.17
C ILE A 144 13.42 18.06 -6.80
N PHE A 145 14.05 16.88 -6.78
CA PHE A 145 14.58 16.31 -5.52
C PHE A 145 15.89 16.99 -5.13
N ARG A 146 16.48 17.74 -6.07
CA ARG A 146 17.77 18.42 -5.90
C ARG A 146 18.93 17.45 -5.66
N PHE A 147 18.93 16.32 -6.36
CA PHE A 147 20.08 15.43 -6.32
C PHE A 147 21.29 16.07 -7.03
N GLY A 148 20.98 16.99 -7.95
CA GLY A 148 21.97 17.68 -8.79
C GLY A 148 21.24 18.64 -9.71
N PRO A 149 21.98 19.45 -10.51
CA PRO A 149 21.32 20.49 -11.31
C PRO A 149 20.42 19.90 -12.39
N ARG A 150 20.90 18.87 -13.07
CA ARG A 150 20.15 18.19 -14.11
C ARG A 150 20.51 16.72 -14.12
N TYR A 151 19.53 15.87 -14.39
CA TYR A 151 19.73 14.43 -14.52
C TYR A 151 20.76 14.13 -15.62
N PRO A 152 21.71 13.20 -15.36
CA PRO A 152 21.93 12.44 -14.15
C PRO A 152 23.18 12.91 -13.36
N ASP A 153 23.41 14.21 -13.29
CA ASP A 153 24.60 14.73 -12.59
C ASP A 153 24.26 14.96 -11.11
N ALA A 154 24.99 14.33 -10.20
CA ALA A 154 24.74 14.51 -8.76
C ALA A 154 25.65 15.59 -8.18
N PHE A 155 25.14 16.38 -7.24
CA PHE A 155 26.02 17.20 -6.41
C PHE A 155 27.03 16.29 -5.72
N LYS A 156 28.28 16.76 -5.64
CA LYS A 156 29.38 16.03 -5.01
C LYS A 156 29.09 15.73 -3.54
N ASP A 157 28.43 16.67 -2.88
CA ASP A 157 28.13 16.50 -1.47
C ASP A 157 26.73 15.92 -1.17
N THR A 158 26.02 15.40 -2.18
CA THR A 158 24.65 14.92 -1.92
C THR A 158 24.61 13.84 -0.84
N GLN A 159 23.67 14.00 0.08
CA GLN A 159 23.37 12.97 1.09
C GLN A 159 22.48 11.84 0.54
N PHE A 160 21.85 12.04 -0.63
CA PHE A 160 20.98 10.99 -1.17
C PHE A 160 21.81 9.86 -1.76
N PRO A 161 21.41 8.60 -1.48
CA PRO A 161 22.11 7.45 -2.03
C PRO A 161 21.83 7.25 -3.52
N VAL A 162 22.46 8.09 -4.34
CA VAL A 162 22.15 8.10 -5.77
C VAL A 162 22.49 6.77 -6.45
N GLN A 163 23.35 5.94 -5.83
CA GLN A 163 23.62 4.60 -6.36
C GLN A 163 22.39 3.70 -6.35
N ALA A 164 21.43 4.07 -5.50
CA ALA A 164 20.16 3.34 -5.44
C ALA A 164 19.04 4.12 -6.14
N GLN A 165 19.37 4.94 -7.14
CA GLN A 165 18.32 5.67 -7.88
C GLN A 165 17.24 4.73 -8.48
N ALA A 166 17.66 3.58 -9.00
CA ALA A 166 16.72 2.60 -9.59
C ALA A 166 15.65 2.15 -8.57
N GLU A 167 16.07 1.95 -7.32
CA GLU A 167 15.13 1.58 -6.25
C GLU A 167 14.17 2.75 -5.87
N LEU A 168 14.69 3.96 -5.87
CA LEU A 168 13.83 5.13 -5.68
C LEU A 168 12.76 5.17 -6.77
N TRP A 169 13.15 4.95 -8.02
CA TRP A 169 12.18 4.94 -9.12
C TRP A 169 11.11 3.84 -8.94
N GLN A 170 11.48 2.70 -8.37
CA GLN A 170 10.50 1.64 -8.12
C GLN A 170 9.35 2.08 -7.18
N GLN A 171 9.62 2.99 -6.24
CA GLN A 171 8.58 3.38 -5.26
C GLN A 171 7.73 4.58 -5.69
N MET A 172 8.06 5.15 -6.86
CA MET A 172 7.25 6.24 -7.40
C MET A 172 6.04 5.74 -8.20
N VAL A 173 4.90 6.40 -7.99
CA VAL A 173 3.61 5.95 -8.50
C VAL A 173 2.82 7.14 -9.10
N PRO A 174 1.84 6.84 -9.96
CA PRO A 174 0.96 7.87 -10.49
C PRO A 174 0.17 8.60 -9.40
N ASP A 175 -0.10 9.86 -9.66
CA ASP A 175 -0.69 10.73 -8.65
C ASP A 175 -2.04 11.24 -9.17
N TRP A 176 -3.09 11.06 -8.37
CA TRP A 176 -4.45 11.43 -8.76
C TRP A 176 -4.90 12.76 -8.12
N LEU A 177 -3.96 13.48 -7.51
CA LEU A 177 -4.32 14.74 -6.80
C LEU A 177 -5.21 15.69 -7.64
N GLY A 178 -4.89 15.80 -8.93
CA GLY A 178 -5.60 16.68 -9.85
C GLY A 178 -7.07 16.33 -10.06
N SER A 179 -7.45 15.09 -9.75
CA SER A 179 -8.83 14.66 -9.95
CA SER A 179 -8.82 14.62 -9.94
C SER A 179 -9.61 14.55 -8.64
N MET A 180 -9.08 15.14 -7.57
CA MET A 180 -9.79 15.09 -6.29
C MET A 180 -10.10 16.50 -5.84
N PRO A 181 -11.00 16.66 -4.85
CA PRO A 181 -11.29 18.03 -4.41
C PRO A 181 -10.14 18.70 -3.67
N THR A 182 -10.28 20.02 -3.47
CA THR A 182 -9.37 20.81 -2.64
C THR A 182 -10.24 21.55 -1.59
N PRO A 183 -9.89 21.41 -0.29
CA PRO A 183 -8.76 20.59 0.22
C PRO A 183 -8.85 19.08 -0.12
N ASN A 184 -7.70 18.44 -0.29
CA ASN A 184 -7.65 16.98 -0.56
C ASN A 184 -8.41 16.22 0.54
N PRO A 185 -9.17 15.17 0.17
CA PRO A 185 -9.88 14.41 1.20
C PRO A 185 -8.97 13.90 2.34
N THR A 186 -7.67 13.80 2.09
CA THR A 186 -6.71 13.42 3.16
C THR A 186 -6.83 14.39 4.36
N VAL A 187 -7.06 15.67 4.08
CA VAL A 187 -7.15 16.69 5.12
C VAL A 187 -8.24 16.34 6.16
N ALA A 188 -9.47 16.08 5.73
CA ALA A 188 -10.54 15.78 6.68
C ALA A 188 -10.29 14.46 7.39
N ASN A 189 -9.62 13.54 6.71
CA ASN A 189 -9.31 12.24 7.29
C ASN A 189 -8.26 12.37 8.39
N LEU A 190 -7.31 13.29 8.24
CA LEU A 190 -6.30 13.54 9.29
C LEU A 190 -6.92 14.14 10.55
N SER A 191 -7.93 14.98 10.38
CA SER A 191 -8.72 15.44 11.54
C SER A 191 -9.42 14.30 12.27
N LYS A 192 -10.11 13.43 11.53
CA LYS A 192 -10.76 12.27 12.15
C LYS A 192 -9.75 11.38 12.86
N LEU A 193 -8.59 11.16 12.23
CA LEU A 193 -7.55 10.37 12.88
C LEU A 193 -7.03 11.04 14.18
N ALA A 194 -6.67 12.32 14.09
CA ALA A 194 -6.12 13.05 15.24
C ALA A 194 -7.11 13.04 16.41
N ILE A 195 -8.39 13.20 16.10
CA ILE A 195 -9.43 13.23 17.12
C ILE A 195 -9.61 11.86 17.78
N LYS A 196 -9.68 10.80 16.97
CA LYS A 196 -9.71 9.43 17.47
C LYS A 196 -8.51 9.10 18.36
N LEU A 197 -7.34 9.58 18.00
CA LEU A 197 -6.13 9.28 18.76
C LEU A 197 -6.01 10.17 19.99
N ASP A 198 -6.76 11.28 19.98
CA ASP A 198 -6.71 12.26 21.07
C ASP A 198 -5.31 12.85 21.25
N GLY A 199 -4.68 13.24 20.14
CA GLY A 199 -3.40 13.93 20.18
C GLY A 199 -2.36 13.23 19.33
N THR A 200 -1.94 13.85 18.23
CA THR A 200 -0.88 13.28 17.41
C THR A 200 -0.04 14.40 16.83
N VAL A 201 1.24 14.10 16.59
CA VAL A 201 2.06 14.98 15.83
C VAL A 201 1.83 14.65 14.34
N LEU A 202 1.45 15.66 13.56
CA LEU A 202 1.34 15.48 12.11
C LEU A 202 2.63 15.87 11.43
N LEU A 203 3.23 14.93 10.70
CA LEU A 203 4.47 15.18 9.96
C LEU A 203 4.23 14.90 8.48
N SER A 204 4.40 15.94 7.67
CA SER A 204 4.03 15.83 6.24
C SER A 204 5.18 16.30 5.35
N HIS A 205 5.00 16.22 4.04
CA HIS A 205 6.11 16.35 3.10
C HIS A 205 5.64 16.89 1.77
N SER A 206 6.26 18.01 1.34
CA SER A 206 6.18 18.47 -0.06
C SER A 206 4.72 18.77 -0.46
N GLN A 207 4.15 17.97 -1.36
CA GLN A 207 2.73 18.11 -1.74
C GLN A 207 1.79 18.18 -0.51
N SER A 208 2.00 17.31 0.47
CA SER A 208 1.17 17.30 1.67
C SER A 208 1.67 18.25 2.77
N GLY A 209 2.71 19.02 2.47
CA GLY A 209 3.31 19.97 3.43
C GLY A 209 2.25 20.89 4.05
N ILE A 210 1.33 21.38 3.22
CA ILE A 210 0.23 22.25 3.64
C ILE A 210 -0.91 21.55 4.40
N TYR A 211 -1.07 20.23 4.18
CA TYR A 211 -2.22 19.49 4.71
C TYR A 211 -2.47 19.69 6.23
N PRO A 212 -1.42 19.51 7.07
CA PRO A 212 -1.66 19.62 8.51
C PRO A 212 -2.17 21.01 8.93
N PHE A 213 -1.73 22.05 8.24
CA PHE A 213 -2.18 23.43 8.49
C PHE A 213 -3.65 23.60 8.11
N GLN A 214 -4.03 23.01 6.97
CA GLN A 214 -5.43 23.04 6.55
C GLN A 214 -6.28 22.27 7.54
N THR A 215 -5.76 21.12 7.97
CA THR A 215 -6.46 20.31 8.98
C THR A 215 -6.72 21.09 10.27
N ALA A 216 -5.68 21.73 10.78
CA ALA A 216 -5.73 22.47 12.04
C ALA A 216 -6.66 23.68 11.95
N ALA A 217 -6.59 24.43 10.85
CA ALA A 217 -7.47 25.59 10.64
C ALA A 217 -8.93 25.15 10.54
N MET A 218 -9.16 23.94 9.98
CA MET A 218 -10.49 23.32 9.96
CA MET A 218 -10.48 23.31 9.96
C MET A 218 -10.93 22.90 11.37
N ASN A 219 -10.05 22.24 12.11
CA ASN A 219 -10.36 21.80 13.46
C ASN A 219 -9.06 21.44 14.17
N PRO A 220 -8.66 22.24 15.18
CA PRO A 220 -7.36 22.05 15.86
C PRO A 220 -7.31 20.86 16.81
N LYS A 221 -8.47 20.24 17.07
CA LYS A 221 -8.57 19.19 18.08
C LYS A 221 -7.71 17.96 17.77
N GLY A 222 -6.91 17.54 18.75
CA GLY A 222 -6.06 16.35 18.61
C GLY A 222 -4.76 16.58 17.84
N ILE A 223 -4.51 17.81 17.43
CA ILE A 223 -3.29 18.14 16.73
C ILE A 223 -2.31 18.78 17.72
N THR A 224 -1.35 17.95 18.14
CA THR A 224 -0.39 18.31 19.18
C THR A 224 0.71 19.22 18.64
N ALA A 225 1.21 18.89 17.43
CA ALA A 225 2.26 19.66 16.79
C ALA A 225 2.30 19.32 15.30
N ILE A 226 2.90 20.21 14.51
CA ILE A 226 3.03 20.03 13.08
C ILE A 226 4.51 20.11 12.70
N VAL A 227 4.97 19.11 11.96
CA VAL A 227 6.28 19.12 11.34
C VAL A 227 6.02 19.03 9.84
N SER A 228 6.46 20.06 9.11
CA SER A 228 6.25 20.12 7.67
C SER A 228 7.60 20.10 6.95
N VAL A 229 7.90 19.03 6.22
CA VAL A 229 9.19 18.89 5.55
C VAL A 229 9.13 19.40 4.11
N GLU A 230 9.93 20.42 3.80
CA GLU A 230 9.95 21.05 2.46
C GLU A 230 8.58 21.17 1.76
N PRO A 231 7.63 21.88 2.40
CA PRO A 231 6.28 21.95 1.86
C PRO A 231 6.28 22.64 0.50
N GLY A 232 5.35 22.22 -0.37
CA GLY A 232 5.06 22.93 -1.61
C GLY A 232 4.57 24.35 -1.32
N GLU A 233 3.84 24.52 -0.22
CA GLU A 233 3.47 25.86 0.26
C GLU A 233 3.33 25.90 1.77
N CYS A 234 3.69 27.03 2.34
CA CYS A 234 3.43 27.33 3.72
C CYS A 234 2.16 28.21 3.78
N PRO A 235 1.47 28.25 4.93
CA PRO A 235 0.37 29.25 5.01
C PRO A 235 0.86 30.68 4.77
N LYS A 236 -0.04 31.57 4.36
CA LYS A 236 0.27 32.99 4.22
C LYS A 236 0.42 33.69 5.58
N PRO A 237 1.30 34.69 5.65
CA PRO A 237 1.53 35.42 6.90
C PRO A 237 0.22 35.89 7.52
N GLU A 238 -0.74 36.31 6.70
CA GLU A 238 -2.05 36.77 7.17
C GLU A 238 -2.95 35.66 7.71
N ASP A 239 -2.55 34.39 7.56
CA ASP A 239 -3.45 33.28 7.88
C ASP A 239 -3.04 32.49 9.10
N VAL A 240 -2.15 33.07 9.91
CA VAL A 240 -1.53 32.37 11.03
C VAL A 240 -2.39 32.24 12.29
N LYS A 241 -3.43 33.05 12.43
CA LYS A 241 -4.17 33.11 13.72
C LYS A 241 -4.84 31.81 14.19
N PRO A 242 -5.40 30.99 13.28
CA PRO A 242 -5.90 29.69 13.78
C PRO A 242 -4.80 28.72 14.26
N LEU A 243 -3.53 29.09 14.09
CA LEU A 243 -2.42 28.15 14.31
C LEU A 243 -1.56 28.48 15.53
N THR A 244 -1.91 29.55 16.26
CA THR A 244 -1.01 30.10 17.29
C THR A 244 -0.84 29.24 18.55
N SER A 245 -1.70 28.25 18.74
CA SER A 245 -1.61 27.36 19.89
C SER A 245 -0.95 26.00 19.56
N ILE A 246 -0.52 25.83 18.30
CA ILE A 246 0.08 24.56 17.88
C ILE A 246 1.52 24.79 17.48
N PRO A 247 2.46 24.10 18.17
CA PRO A 247 3.86 24.23 17.82
C PRO A 247 4.12 23.77 16.37
N VAL A 248 4.92 24.54 15.63
CA VAL A 248 5.17 24.28 14.20
C VAL A 248 6.66 24.24 13.87
N LEU A 249 7.09 23.15 13.22
CA LEU A 249 8.44 23.04 12.68
C LEU A 249 8.35 22.86 11.16
N VAL A 250 9.11 23.67 10.41
CA VAL A 250 9.19 23.56 8.95
C VAL A 250 10.65 23.32 8.65
N VAL A 251 10.95 22.26 7.89
CA VAL A 251 12.34 21.80 7.71
C VAL A 251 12.76 21.90 6.26
N PHE A 252 13.92 22.52 6.00
CA PHE A 252 14.47 22.59 4.66
C PHE A 252 15.86 22.04 4.65
N GLY A 253 16.21 21.41 3.53
CA GLY A 253 17.55 20.83 3.35
C GLY A 253 18.48 21.78 2.63
N ASP A 254 19.34 21.24 1.77
CA ASP A 254 20.44 22.01 1.21
C ASP A 254 20.26 22.24 -0.31
N HIS A 255 21.18 23.01 -0.88
CA HIS A 255 21.17 23.36 -2.31
C HIS A 255 19.86 24.03 -2.74
N ILE A 256 19.28 24.86 -1.87
CA ILE A 256 17.99 25.50 -2.15
C ILE A 256 18.06 26.65 -3.17
N GLU A 257 19.00 27.57 -2.97
CA GLU A 257 19.04 28.82 -3.76
C GLU A 257 19.27 28.60 -5.24
N GLU A 258 19.95 27.52 -5.62
CA GLU A 258 20.19 27.27 -7.05
CA GLU A 258 20.21 27.19 -7.03
C GLU A 258 18.95 26.78 -7.81
N PHE A 259 17.85 26.51 -7.10
CA PHE A 259 16.62 26.00 -7.73
C PHE A 259 15.45 27.00 -7.61
N PRO A 260 15.00 27.55 -8.75
CA PRO A 260 13.90 28.53 -8.75
C PRO A 260 12.60 27.97 -8.19
N ARG A 261 12.41 26.66 -8.30
CA ARG A 261 11.27 26.00 -7.65
C ARG A 261 11.33 26.18 -6.13
N TRP A 262 12.53 26.07 -5.57
CA TRP A 262 12.70 25.91 -4.13
C TRP A 262 13.01 27.18 -3.36
N ALA A 263 13.85 28.04 -3.95
CA ALA A 263 14.26 29.29 -3.32
C ALA A 263 13.07 30.13 -2.79
N PRO A 264 12.02 30.37 -3.61
CA PRO A 264 10.88 31.15 -3.09
C PRO A 264 10.07 30.48 -1.98
N ARG A 265 10.09 29.15 -1.91
CA ARG A 265 9.34 28.42 -0.90
C ARG A 265 9.98 28.57 0.47
N LEU A 266 11.30 28.51 0.50
CA LEU A 266 12.05 28.78 1.74
C LEU A 266 11.74 30.21 2.25
N LYS A 267 11.81 31.17 1.34
CA LYS A 267 11.58 32.57 1.70
C LYS A 267 10.16 32.77 2.22
N ALA A 268 9.19 32.21 1.50
CA ALA A 268 7.78 32.27 1.91
C ALA A 268 7.52 31.55 3.23
N CYS A 269 8.20 30.44 3.47
CA CYS A 269 8.07 29.75 4.74
C CYS A 269 8.70 30.52 5.91
N HIS A 270 9.80 31.23 5.66
CA HIS A 270 10.35 32.14 6.66
C HIS A 270 9.33 33.22 7.06
N ALA A 271 8.69 33.83 6.06
CA ALA A 271 7.66 34.83 6.30
C ALA A 271 6.49 34.26 7.10
N PHE A 272 6.13 33.01 6.78
CA PHE A 272 5.09 32.33 7.53
C PHE A 272 5.47 32.21 9.01
N ILE A 273 6.65 31.65 9.27
CA ILE A 273 7.13 31.40 10.64
C ILE A 273 7.28 32.70 11.43
N ASP A 274 7.85 33.72 10.78
CA ASP A 274 8.02 35.02 11.45
C ASP A 274 6.68 35.61 11.87
N ALA A 275 5.70 35.56 10.98
CA ALA A 275 4.35 36.08 11.26
C ALA A 275 3.61 35.23 12.28
N LEU A 276 3.87 33.92 12.28
CA LEU A 276 3.30 33.03 13.28
C LEU A 276 3.77 33.41 14.69
N ASN A 277 5.09 33.58 14.84
CA ASN A 277 5.69 33.97 16.10
C ASN A 277 5.18 35.36 16.52
N ALA A 278 5.09 36.28 15.57
CA ALA A 278 4.60 37.65 15.81
C ALA A 278 3.15 37.70 16.25
N ALA A 279 2.35 36.72 15.82
CA ALA A 279 0.95 36.66 16.23
C ALA A 279 0.78 35.92 17.56
N GLY A 280 1.89 35.58 18.19
CA GLY A 280 1.85 34.90 19.48
C GLY A 280 1.96 33.38 19.38
N GLY A 281 2.41 32.89 18.23
CA GLY A 281 2.53 31.45 18.01
C GLY A 281 3.89 30.91 18.39
N LYS A 282 4.17 29.68 18.00
CA LYS A 282 5.42 29.02 18.33
C LYS A 282 5.90 28.26 17.10
N GLY A 283 6.71 28.91 16.28
CA GLY A 283 7.19 28.33 15.03
C GLY A 283 8.69 28.40 14.87
N GLN A 284 9.25 27.48 14.10
CA GLN A 284 10.67 27.51 13.84
C GLN A 284 10.89 27.00 12.44
N LEU A 285 11.69 27.74 11.68
CA LEU A 285 12.19 27.24 10.41
C LEU A 285 13.56 26.62 10.63
N MET A 286 13.62 25.30 10.51
CA MET A 286 14.87 24.56 10.68
C MET A 286 15.51 24.38 9.32
N SER A 287 16.54 25.16 9.05
CA SER A 287 17.29 25.02 7.82
C SER A 287 18.54 24.18 8.14
N LEU A 288 18.59 22.97 7.59
CA LEU A 288 19.69 22.06 7.91
C LEU A 288 21.10 22.65 7.64
N PRO A 289 21.32 23.29 6.47
CA PRO A 289 22.66 23.86 6.28
C PRO A 289 23.03 24.97 7.30
N ALA A 290 22.04 25.74 7.78
CA ALA A 290 22.23 26.71 8.87
C ALA A 290 22.54 26.06 10.23
N LEU A 291 22.27 24.77 10.36
CA LEU A 291 22.66 24.02 11.54
C LEU A 291 23.94 23.20 11.29
N GLY A 292 24.64 23.47 10.19
CA GLY A 292 25.90 22.78 9.89
C GLY A 292 25.72 21.38 9.33
N VAL A 293 24.50 21.11 8.84
CA VAL A 293 24.17 19.83 8.24
C VAL A 293 23.98 20.04 6.74
N HIS A 294 24.87 19.44 5.96
CA HIS A 294 24.98 19.73 4.52
C HIS A 294 24.66 18.57 3.59
N GLY A 295 24.19 18.92 2.39
CA GLY A 295 23.96 17.96 1.31
C GLY A 295 22.59 17.30 1.25
N ASN A 296 21.70 17.61 2.19
CA ASN A 296 20.39 16.96 2.18
C ASN A 296 19.53 17.31 0.98
N SER A 297 18.90 16.28 0.42
CA SER A 297 18.02 16.42 -0.73
C SER A 297 16.60 16.63 -0.24
N HIS A 298 15.65 16.69 -1.18
CA HIS A 298 14.21 16.80 -0.88
C HIS A 298 13.70 15.53 -0.18
N MET A 299 14.38 14.42 -0.45
CA MET A 299 14.04 13.12 0.14
C MET A 299 14.91 12.89 1.36
N MET A 300 14.95 13.86 2.28
CA MET A 300 15.88 13.85 3.40
C MET A 300 15.64 12.69 4.38
N MET A 301 14.41 12.19 4.42
CA MET A 301 14.06 11.00 5.23
C MET A 301 14.71 9.72 4.70
N GLN A 302 15.25 9.79 3.47
CA GLN A 302 15.92 8.64 2.82
C GLN A 302 17.44 8.81 2.67
N ASP A 303 17.92 10.01 2.99
CA ASP A 303 19.32 10.41 2.81
C ASP A 303 20.27 9.59 3.71
N ARG A 304 21.56 9.58 3.40
CA ARG A 304 22.53 8.78 4.15
C ARG A 304 22.63 9.22 5.63
N ASN A 305 22.33 10.47 5.91
CA ASN A 305 22.28 10.97 7.30
C ASN A 305 20.83 11.10 7.80
N ASN A 306 19.92 10.29 7.26
CA ASN A 306 18.51 10.43 7.63
C ASN A 306 18.22 10.32 9.14
N LEU A 307 18.98 9.48 9.85
CA LEU A 307 18.78 9.35 11.30
C LEU A 307 19.27 10.57 12.11
N GLN A 308 20.28 11.26 11.59
CA GLN A 308 20.69 12.54 12.18
C GLN A 308 19.59 13.59 12.01
N VAL A 309 18.98 13.64 10.82
CA VAL A 309 17.88 14.58 10.57
C VAL A 309 16.71 14.26 11.51
N ALA A 310 16.41 12.96 11.64
CA ALA A 310 15.35 12.51 12.53
C ALA A 310 15.61 12.97 13.96
N ASP A 311 16.86 12.81 14.42
CA ASP A 311 17.26 13.25 15.77
C ASP A 311 16.98 14.72 15.99
N LEU A 312 17.33 15.54 15.00
CA LEU A 312 17.04 16.97 15.09
C LEU A 312 15.56 17.23 15.19
N ILE A 313 14.76 16.51 14.40
CA ILE A 313 13.30 16.65 14.45
C ILE A 313 12.73 16.17 15.78
N LEU A 314 13.14 14.96 16.19
CA LEU A 314 12.66 14.38 17.46
C LEU A 314 13.01 15.23 18.69
N ASP A 315 14.18 15.88 18.64
CA ASP A 315 14.58 16.78 19.74
C ASP A 315 13.59 17.93 19.87
N TRP A 316 13.23 18.53 18.73
CA TRP A 316 12.24 19.60 18.73
C TRP A 316 10.89 19.10 19.20
N ILE A 317 10.51 17.90 18.77
CA ILE A 317 9.21 17.34 19.16
C ILE A 317 9.15 17.15 20.68
N GLY A 318 10.19 16.50 21.23
CA GLY A 318 10.34 16.30 22.67
C GLY A 318 10.21 17.58 23.49
N ARG A 319 10.85 18.65 23.02
CA ARG A 319 10.85 19.94 23.70
C ARG A 319 9.53 20.71 23.53
N ASN A 320 8.75 20.38 22.50
CA ASN A 320 7.52 21.13 22.22
C ASN A 320 6.23 20.39 22.53
N THR A 321 6.34 19.16 23.04
CA THR A 321 5.16 18.41 23.46
C THR A 321 5.15 18.08 24.96
N ALA A 322 6.25 18.40 25.65
CA ALA A 322 6.41 18.09 27.09
C ALA A 322 5.31 18.67 28.01
N THR B 8 -6.02 -16.56 20.07
CA THR B 8 -5.39 -15.25 19.76
C THR B 8 -4.21 -15.00 20.71
N PRO B 9 -2.98 -15.34 20.26
CA PRO B 9 -1.80 -15.07 21.08
C PRO B 9 -1.67 -13.57 21.38
N ALA B 10 -2.02 -13.18 22.62
CA ALA B 10 -1.93 -11.79 23.05
C ALA B 10 -0.50 -11.45 23.51
N GLY B 11 -0.28 -10.21 23.95
CA GLY B 11 1.05 -9.77 24.38
C GLY B 11 1.88 -9.23 23.23
N PRO B 12 3.13 -8.81 23.52
CA PRO B 12 3.94 -8.13 22.51
C PRO B 12 4.55 -9.06 21.46
N LEU B 13 4.98 -8.47 20.36
CA LEU B 13 5.56 -9.21 19.26
C LEU B 13 6.97 -8.67 19.01
N THR B 14 7.93 -9.58 18.97
CA THR B 14 9.31 -9.20 18.75
C THR B 14 9.78 -9.57 17.35
N LEU B 15 10.36 -8.59 16.67
CA LEU B 15 10.81 -8.75 15.31
C LEU B 15 12.33 -8.76 15.27
N SER B 16 12.89 -9.82 14.72
CA SER B 16 14.32 -9.83 14.44
C SER B 16 14.63 -8.84 13.30
N GLY B 17 13.71 -8.71 12.35
CA GLY B 17 13.89 -7.81 11.21
C GLY B 17 12.56 -7.36 10.60
N GLN B 18 12.59 -6.20 9.95
CA GLN B 18 11.47 -5.70 9.15
C GLN B 18 11.94 -4.74 8.06
N GLY B 19 11.20 -4.70 6.96
CA GLY B 19 11.49 -3.77 5.88
C GLY B 19 10.56 -3.89 4.68
N SER B 20 10.94 -3.19 3.62
CA SER B 20 10.15 -3.04 2.43
C SER B 20 11.14 -2.89 1.28
N PHE B 21 10.77 -3.43 0.12
CA PHE B 21 11.57 -3.32 -1.10
C PHE B 21 10.67 -3.68 -2.28
N PHE B 22 11.16 -3.51 -3.50
CA PHE B 22 10.41 -3.83 -4.70
C PHE B 22 11.16 -4.89 -5.49
N VAL B 23 10.42 -5.66 -6.27
CA VAL B 23 10.96 -6.68 -7.16
C VAL B 23 10.60 -6.32 -8.58
N GLY B 24 11.57 -6.38 -9.48
CA GLY B 24 11.29 -6.21 -10.91
C GLY B 24 10.92 -4.80 -11.34
N GLY B 25 10.10 -4.71 -12.39
CA GLY B 25 9.80 -3.42 -12.98
C GLY B 25 10.56 -3.24 -14.28
N ARG B 26 9.97 -2.45 -15.16
CA ARG B 26 10.58 -2.13 -16.45
C ARG B 26 10.47 -0.62 -16.66
N ASP B 27 11.49 -0.05 -17.30
CA ASP B 27 11.50 1.37 -17.61
C ASP B 27 10.78 1.61 -18.90
N VAL B 28 9.80 2.53 -18.87
CA VAL B 28 9.06 2.91 -20.08
C VAL B 28 9.32 4.39 -20.44
N THR B 29 9.49 4.64 -21.74
CA THR B 29 9.61 6.02 -22.23
C THR B 29 8.20 6.51 -22.57
N SER B 30 7.82 7.65 -22.02
CA SER B 30 6.47 8.17 -22.20
C SER B 30 6.53 9.58 -22.74
N GLU B 31 5.52 9.99 -23.49
CA GLU B 31 5.43 11.40 -23.84
C GLU B 31 4.11 12.02 -23.33
N THR B 32 3.46 11.34 -22.38
CA THR B 32 2.18 11.80 -21.86
C THR B 32 2.11 11.76 -20.33
N LEU B 33 3.23 12.03 -19.64
CA LEU B 33 3.30 11.93 -18.18
C LEU B 33 2.54 13.06 -17.48
N SER B 34 2.36 14.17 -18.20
CA SER B 34 1.78 15.38 -17.63
C SER B 34 0.82 16.02 -18.61
N LEU B 35 -0.24 16.65 -18.08
CA LEU B 35 -1.18 17.42 -18.90
C LEU B 35 -0.96 18.92 -18.72
N SER B 36 -0.12 19.29 -17.76
CA SER B 36 0.18 20.68 -17.45
C SER B 36 1.42 21.15 -18.22
N PRO B 37 1.42 22.41 -18.71
CA PRO B 37 2.62 22.96 -19.33
C PRO B 37 3.70 23.25 -18.27
N LYS B 38 3.34 23.16 -16.99
CA LYS B 38 4.28 23.30 -15.87
C LYS B 38 5.24 22.11 -15.70
N TYR B 39 4.89 20.96 -16.29
CA TYR B 39 5.75 19.76 -16.21
C TYR B 39 6.03 19.20 -17.60
N ASP B 40 7.21 18.61 -17.79
CA ASP B 40 7.48 18.00 -19.08
C ASP B 40 6.71 16.69 -19.15
N ALA B 41 5.98 16.52 -20.25
CA ALA B 41 5.24 15.31 -20.50
C ALA B 41 6.17 14.15 -20.93
N HIS B 42 7.41 14.48 -21.35
CA HIS B 42 8.41 13.48 -21.78
C HIS B 42 9.31 13.04 -20.63
N GLY B 43 9.38 11.74 -20.39
CA GLY B 43 10.30 11.19 -19.39
C GLY B 43 10.23 9.68 -19.29
N THR B 44 11.03 9.12 -18.39
CA THR B 44 11.05 7.68 -18.16
C THR B 44 10.41 7.39 -16.81
N VAL B 45 9.49 6.41 -16.76
CA VAL B 45 8.95 5.92 -15.49
C VAL B 45 9.16 4.42 -15.38
N THR B 46 9.14 3.92 -14.14
CA THR B 46 9.27 2.48 -13.90
C THR B 46 7.87 1.92 -13.60
N VAL B 47 7.47 0.89 -14.33
CA VAL B 47 6.17 0.25 -14.08
C VAL B 47 6.35 -1.27 -13.93
N ASP B 48 5.32 -1.90 -13.35
CA ASP B 48 5.22 -3.36 -13.14
C ASP B 48 6.01 -3.94 -11.96
N GLN B 49 6.82 -3.11 -11.30
CA GLN B 49 7.53 -3.52 -10.08
C GLN B 49 6.53 -3.96 -8.99
N MET B 50 6.99 -4.86 -8.11
CA MET B 50 6.11 -5.42 -7.05
C MET B 50 6.59 -4.99 -5.66
N TYR B 51 5.72 -4.28 -4.94
CA TYR B 51 5.93 -3.93 -3.53
C TYR B 51 5.91 -5.16 -2.64
N VAL B 52 6.91 -5.28 -1.77
CA VAL B 52 7.01 -6.34 -0.77
C VAL B 52 7.31 -5.75 0.60
N ARG B 53 6.49 -6.12 1.59
CA ARG B 53 6.78 -5.71 2.97
C ARG B 53 7.05 -6.98 3.73
N TYR B 54 8.16 -7.03 4.47
CA TYR B 54 8.50 -8.25 5.19
C TYR B 54 8.66 -8.07 6.69
N GLN B 55 8.37 -9.14 7.43
CA GLN B 55 8.62 -9.15 8.85
C GLN B 55 9.23 -10.48 9.23
N ILE B 56 10.28 -10.43 10.06
CA ILE B 56 11.07 -11.60 10.43
CA ILE B 56 11.05 -11.61 10.42
C ILE B 56 11.01 -11.81 11.93
N PRO B 57 10.44 -12.95 12.38
CA PRO B 57 10.42 -13.18 13.83
C PRO B 57 11.78 -13.70 14.32
N GLN B 58 11.96 -13.73 15.64
CA GLN B 58 13.11 -14.41 16.22
C GLN B 58 13.03 -15.92 15.99
N ARG B 59 14.19 -16.54 15.80
CA ARG B 59 14.28 -17.98 15.57
CA ARG B 59 14.32 -17.97 15.52
C ARG B 59 13.32 -18.39 14.45
N ALA B 60 13.35 -17.65 13.32
CA ALA B 60 12.45 -17.88 12.20
C ALA B 60 12.60 -19.27 11.62
N LYS B 61 11.48 -19.89 11.25
CA LYS B 61 11.52 -21.18 10.57
C LYS B 61 12.22 -21.03 9.23
N ARG B 62 12.76 -22.12 8.71
CA ARG B 62 13.58 -22.12 7.48
C ARG B 62 12.92 -21.42 6.26
N TYR B 63 11.63 -21.68 6.05
CA TYR B 63 10.95 -21.13 4.86
C TYR B 63 9.92 -20.04 5.20
N PRO B 64 10.08 -18.85 4.62
CA PRO B 64 9.07 -17.78 4.80
C PRO B 64 7.79 -18.09 4.06
N ILE B 65 6.71 -17.41 4.42
CA ILE B 65 5.48 -17.47 3.64
C ILE B 65 5.27 -16.14 2.92
N THR B 66 5.04 -16.22 1.61
CA THR B 66 4.72 -15.05 0.79
C THR B 66 3.20 -15.06 0.58
N LEU B 67 2.58 -13.96 1.00
CA LEU B 67 1.11 -13.82 0.98
CA LEU B 67 1.11 -13.81 0.99
C LEU B 67 0.69 -12.93 -0.20
N ILE B 68 -0.21 -13.46 -1.01
CA ILE B 68 -0.52 -12.90 -2.34
C ILE B 68 -2.02 -12.70 -2.49
N HIS B 69 -2.47 -11.45 -2.44
CA HIS B 69 -3.90 -11.12 -2.48
C HIS B 69 -4.52 -11.37 -3.87
N GLY B 70 -5.85 -11.38 -3.93
CA GLY B 70 -6.59 -11.56 -5.19
C GLY B 70 -7.08 -10.26 -5.78
N CYS B 71 -8.21 -10.29 -6.49
CA CYS B 71 -8.67 -9.06 -7.19
C CYS B 71 -9.12 -8.01 -6.20
N CYS B 72 -9.15 -6.76 -6.66
CA CYS B 72 -10.01 -5.75 -6.06
C CYS B 72 -9.61 -5.38 -4.64
N LEU B 73 -8.38 -5.75 -4.27
CA LEU B 73 -7.87 -5.72 -2.90
C LEU B 73 -6.36 -5.52 -2.97
N THR B 74 -5.72 -5.32 -1.81
CA THR B 74 -4.27 -5.16 -1.72
C THR B 74 -3.74 -6.12 -0.64
N GLY B 75 -2.46 -6.01 -0.30
CA GLY B 75 -1.88 -6.72 0.87
C GLY B 75 -2.62 -6.48 2.20
N MET B 76 -3.40 -5.40 2.28
CA MET B 76 -4.30 -5.18 3.41
C MET B 76 -5.16 -6.43 3.72
N THR B 77 -5.46 -7.22 2.68
CA THR B 77 -6.18 -8.50 2.82
C THR B 77 -5.77 -9.28 4.08
N TRP B 78 -4.46 -9.37 4.29
CA TRP B 78 -3.84 -10.23 5.31
C TRP B 78 -3.57 -9.53 6.63
N GLU B 79 -3.81 -8.21 6.69
CA GLU B 79 -3.52 -7.41 7.89
C GLU B 79 -4.72 -7.47 8.84
N THR B 80 -4.89 -6.48 9.72
CA THR B 80 -6.04 -6.45 10.65
C THR B 80 -7.34 -6.70 9.89
N THR B 81 -8.18 -7.59 10.42
CA THR B 81 -9.44 -7.91 9.77
C THR B 81 -10.34 -6.64 9.80
N PRO B 82 -11.37 -6.59 8.93
CA PRO B 82 -12.25 -5.43 8.89
C PRO B 82 -12.86 -5.09 10.26
N ASP B 83 -13.06 -6.09 11.11
CA ASP B 83 -13.64 -5.86 12.45
C ASP B 83 -12.58 -5.69 13.56
N GLY B 84 -11.32 -5.52 13.18
CA GLY B 84 -10.30 -5.15 14.16
C GLY B 84 -9.53 -6.29 14.83
N ARG B 85 -9.61 -7.50 14.29
CA ARG B 85 -8.93 -8.65 14.89
C ARG B 85 -7.62 -8.97 14.20
N MET B 86 -6.80 -9.80 14.85
CA MET B 86 -5.52 -10.19 14.31
C MET B 86 -5.70 -10.84 12.95
N GLY B 87 -4.88 -10.45 11.98
CA GLY B 87 -4.88 -11.11 10.66
C GLY B 87 -3.78 -12.17 10.51
N TRP B 88 -3.75 -12.84 9.37
CA TRP B 88 -2.77 -13.90 9.12
C TRP B 88 -1.33 -13.41 9.11
N ASP B 89 -1.08 -12.17 8.66
CA ASP B 89 0.29 -11.63 8.65
CA ASP B 89 0.27 -11.63 8.64
C ASP B 89 0.87 -11.65 10.06
N GLU B 90 0.18 -11.02 11.01
CA GLU B 90 0.61 -11.00 12.39
C GLU B 90 0.65 -12.42 13.00
N TYR B 91 -0.35 -13.23 12.65
CA TYR B 91 -0.45 -14.57 13.24
C TYR B 91 0.71 -15.44 12.79
N PHE B 92 1.01 -15.45 11.49
CA PHE B 92 2.13 -16.25 10.96
C PHE B 92 3.44 -15.87 11.65
N LEU B 93 3.63 -14.57 11.83
CA LEU B 93 4.80 -14.04 12.57
CA LEU B 93 4.80 -14.04 12.56
C LEU B 93 4.89 -14.60 13.99
N ARG B 94 3.77 -14.58 14.71
CA ARG B 94 3.73 -15.06 16.08
C ARG B 94 3.99 -16.57 16.15
N LYS B 95 3.66 -17.27 15.06
CA LYS B 95 3.92 -18.70 14.94
C LYS B 95 5.30 -19.00 14.40
N GLY B 96 6.12 -17.96 14.26
CA GLY B 96 7.53 -18.11 13.90
C GLY B 96 7.88 -18.18 12.43
N TYR B 97 6.94 -17.79 11.56
CA TYR B 97 7.20 -17.72 10.12
C TYR B 97 7.52 -16.29 9.72
N SER B 98 8.59 -16.14 8.94
CA SER B 98 8.86 -14.86 8.29
C SER B 98 7.78 -14.68 7.22
N THR B 99 7.26 -13.45 7.10
CA THR B 99 6.19 -13.22 6.13
C THR B 99 6.57 -12.11 5.15
N TYR B 100 6.24 -12.33 3.88
CA TYR B 100 6.45 -11.35 2.83
C TYR B 100 5.07 -11.08 2.25
N VAL B 101 4.56 -9.87 2.46
CA VAL B 101 3.21 -9.51 2.00
C VAL B 101 3.35 -8.55 0.84
N ILE B 102 2.81 -8.93 -0.32
CA ILE B 102 2.97 -8.12 -1.51
C ILE B 102 1.75 -7.26 -1.84
N ASP B 103 1.97 -6.23 -2.65
CA ASP B 103 0.93 -5.69 -3.51
C ASP B 103 1.29 -6.15 -4.91
N GLN B 104 0.34 -6.79 -5.59
CA GLN B 104 0.52 -7.20 -6.99
C GLN B 104 1.01 -6.04 -7.86
N SER B 105 1.81 -6.33 -8.88
CA SER B 105 2.07 -5.35 -9.94
C SER B 105 0.79 -4.59 -10.30
N GLY B 106 0.88 -3.29 -10.40
CA GLY B 106 -0.27 -2.51 -10.85
C GLY B 106 -1.39 -2.39 -9.82
N ARG B 107 -1.09 -2.67 -8.56
CA ARG B 107 -2.09 -2.58 -7.49
C ARG B 107 -1.46 -1.94 -6.25
N GLY B 108 -2.25 -1.23 -5.45
CA GLY B 108 -1.73 -0.70 -4.18
C GLY B 108 -0.49 0.16 -4.36
N ARG B 109 0.59 -0.20 -3.67
CA ARG B 109 1.82 0.61 -3.72
C ARG B 109 2.71 0.26 -4.92
N SER B 110 2.25 -0.67 -5.76
CA SER B 110 2.96 -1.08 -6.99
C SER B 110 2.45 -0.26 -8.19
N ALA B 111 3.35 0.53 -8.80
CA ALA B 111 2.98 1.55 -9.76
C ALA B 111 2.27 1.02 -11.02
N THR B 112 1.18 1.70 -11.40
CA THR B 112 0.55 1.54 -12.72
C THR B 112 1.24 2.52 -13.69
N ASP B 113 0.89 2.42 -14.97
CA ASP B 113 1.33 3.37 -15.98
C ASP B 113 0.09 4.13 -16.42
N ILE B 114 0.10 5.45 -16.23
CA ILE B 114 -1.05 6.28 -16.63
C ILE B 114 -0.87 6.91 -18.03
N SER B 115 0.16 6.48 -18.76
CA SER B 115 0.51 7.07 -20.06
C SER B 115 -0.60 7.04 -21.09
N ALA B 116 -1.23 5.87 -21.24
CA ALA B 116 -2.28 5.69 -22.21
C ALA B 116 -3.50 6.55 -21.87
N ILE B 117 -3.83 6.69 -20.59
CA ILE B 117 -4.98 7.54 -20.19
C ILE B 117 -4.73 8.99 -20.62
N ASN B 118 -3.56 9.53 -20.27
CA ASN B 118 -3.24 10.91 -20.62
C ASN B 118 -3.12 11.07 -22.13
N ALA B 119 -2.62 10.03 -22.81
CA ALA B 119 -2.53 10.04 -24.27
C ALA B 119 -3.90 10.26 -24.89
N VAL B 120 -4.91 9.56 -24.38
CA VAL B 120 -6.27 9.70 -24.93
C VAL B 120 -6.79 11.11 -24.66
N LYS B 121 -6.61 11.59 -23.44
CA LYS B 121 -7.04 12.94 -23.08
C LYS B 121 -6.32 14.03 -23.90
N LEU B 122 -5.08 13.75 -24.31
CA LEU B 122 -4.28 14.69 -25.13
C LEU B 122 -4.50 14.57 -26.65
N GLY B 123 -5.24 13.55 -27.10
CA GLY B 123 -5.41 13.30 -28.52
C GLY B 123 -4.27 12.50 -29.15
N LYS B 124 -3.29 12.09 -28.37
CA LYS B 124 -2.13 11.32 -28.87
C LYS B 124 -2.37 9.80 -28.99
N ALA B 125 -3.64 9.39 -28.91
CA ALA B 125 -4.04 7.96 -28.96
C ALA B 125 -5.56 7.84 -28.98
N PRO B 126 -6.09 6.78 -29.61
CA PRO B 126 -7.54 6.59 -29.58
C PRO B 126 -8.03 5.98 -28.26
N ALA B 127 -9.31 6.20 -27.96
CA ALA B 127 -9.94 5.70 -26.75
C ALA B 127 -9.74 4.19 -26.52
N SER B 128 -9.36 3.47 -27.58
CA SER B 128 -9.19 2.01 -27.57
C SER B 128 -7.92 1.66 -26.83
N SER B 129 -6.98 2.59 -26.83
CA SER B 129 -5.76 2.48 -26.06
C SER B 129 -6.01 2.55 -24.53
N LEU B 130 -7.20 2.99 -24.11
CA LEU B 130 -7.52 3.03 -22.66
C LEU B 130 -7.44 1.63 -22.06
N PRO B 131 -6.87 1.51 -20.85
CA PRO B 131 -6.72 0.19 -20.22
C PRO B 131 -8.06 -0.40 -19.77
N ASP B 132 -8.19 -1.73 -19.80
CA ASP B 132 -9.36 -2.42 -19.24
CA ASP B 132 -9.36 -2.42 -19.25
C ASP B 132 -9.31 -2.36 -17.71
N LEU B 133 -10.26 -1.64 -17.11
CA LEU B 133 -10.27 -1.46 -15.65
C LEU B 133 -11.55 -1.97 -15.03
N PHE B 134 -11.48 -2.36 -13.76
CA PHE B 134 -12.60 -2.96 -13.04
C PHE B 134 -12.56 -2.54 -11.57
N ALA B 135 -13.74 -2.30 -11.00
CA ALA B 135 -13.90 -2.15 -9.55
C ALA B 135 -15.16 -2.91 -9.16
N ALA B 136 -15.13 -3.61 -8.02
CA ALA B 136 -16.24 -4.42 -7.56
C ALA B 136 -17.19 -3.58 -6.73
N GLY B 137 -18.47 -3.57 -7.11
CA GLY B 137 -19.53 -2.92 -6.31
C GLY B 137 -19.86 -3.77 -5.10
N HIS B 138 -20.43 -3.16 -4.06
CA HIS B 138 -20.69 -3.85 -2.79
C HIS B 138 -21.65 -5.02 -3.01
N GLU B 139 -22.64 -4.77 -3.85
CA GLU B 139 -23.72 -5.70 -4.10
C GLU B 139 -23.20 -6.97 -4.76
N ALA B 140 -22.44 -6.82 -5.84
CA ALA B 140 -21.84 -7.96 -6.51
C ALA B 140 -20.83 -8.72 -5.63
N ALA B 141 -19.95 -7.97 -4.96
CA ALA B 141 -18.97 -8.55 -4.03
C ALA B 141 -19.62 -9.44 -2.97
N TRP B 142 -20.73 -8.97 -2.39
CA TRP B 142 -21.49 -9.75 -1.39
C TRP B 142 -21.72 -11.20 -1.84
N ALA B 143 -22.23 -11.36 -3.06
CA ALA B 143 -22.53 -12.70 -3.60
C ALA B 143 -21.27 -13.48 -4.03
N ILE B 144 -20.29 -12.80 -4.62
CA ILE B 144 -19.03 -13.46 -4.99
C ILE B 144 -18.31 -13.96 -3.73
N PHE B 145 -18.36 -13.17 -2.65
CA PHE B 145 -17.77 -13.60 -1.38
C PHE B 145 -18.57 -14.70 -0.64
N ARG B 146 -19.80 -14.97 -1.10
CA ARG B 146 -20.69 -15.96 -0.49
C ARG B 146 -21.07 -15.60 0.94
N PHE B 147 -21.30 -14.31 1.21
CA PHE B 147 -21.73 -13.89 2.54
C PHE B 147 -23.18 -14.30 2.80
N GLY B 148 -23.93 -14.38 1.71
CA GLY B 148 -25.36 -14.67 1.75
C GLY B 148 -25.85 -14.78 0.33
N PRO B 149 -27.12 -15.15 0.13
CA PRO B 149 -27.62 -15.35 -1.22
C PRO B 149 -27.62 -14.06 -2.07
N ARG B 150 -27.97 -12.92 -1.46
CA ARG B 150 -27.98 -11.63 -2.13
CA ARG B 150 -27.89 -11.65 -2.14
C ARG B 150 -27.70 -10.51 -1.14
N TYR B 151 -27.08 -9.43 -1.60
CA TYR B 151 -26.84 -8.26 -0.77
C TYR B 151 -28.19 -7.71 -0.27
N PRO B 152 -28.30 -7.34 1.02
CA PRO B 152 -27.32 -7.45 2.10
C PRO B 152 -27.66 -8.56 3.10
N ASP B 153 -28.20 -9.67 2.60
CA ASP B 153 -28.68 -10.74 3.48
C ASP B 153 -27.58 -11.78 3.71
N ALA B 154 -27.27 -12.02 4.98
CA ALA B 154 -26.21 -12.95 5.37
C ALA B 154 -26.75 -14.35 5.67
N PHE B 155 -25.99 -15.38 5.33
CA PHE B 155 -26.24 -16.71 5.88
C PHE B 155 -26.23 -16.64 7.39
N LYS B 156 -27.13 -17.37 8.04
CA LYS B 156 -27.20 -17.39 9.50
C LYS B 156 -25.90 -17.90 10.12
N ASP B 157 -25.23 -18.81 9.43
CA ASP B 157 -24.01 -19.41 9.95
C ASP B 157 -22.70 -18.80 9.39
N THR B 158 -22.78 -17.64 8.73
CA THR B 158 -21.56 -17.06 8.12
C THR B 158 -20.50 -16.75 9.18
N GLN B 159 -19.27 -17.13 8.88
CA GLN B 159 -18.11 -16.75 9.71
C GLN B 159 -17.61 -15.33 9.43
N PHE B 160 -18.08 -14.72 8.35
CA PHE B 160 -17.60 -13.36 8.07
C PHE B 160 -18.24 -12.35 9.03
N PRO B 161 -17.44 -11.43 9.61
CA PRO B 161 -18.00 -10.37 10.46
C PRO B 161 -18.78 -9.35 9.65
N VAL B 162 -19.97 -9.75 9.18
CA VAL B 162 -20.79 -8.93 8.31
C VAL B 162 -21.20 -7.58 8.93
N GLN B 163 -21.16 -7.47 10.25
CA GLN B 163 -21.39 -6.18 10.89
C GLN B 163 -20.28 -5.17 10.51
N ALA B 164 -19.12 -5.67 10.03
CA ALA B 164 -18.05 -4.77 9.55
C ALA B 164 -17.94 -4.69 8.01
N GLN B 165 -19.07 -4.91 7.33
CA GLN B 165 -19.16 -4.81 5.89
C GLN B 165 -18.68 -3.44 5.34
N ALA B 166 -19.03 -2.34 6.01
CA ALA B 166 -18.58 -1.01 5.59
C ALA B 166 -17.04 -0.90 5.61
N GLU B 167 -16.40 -1.51 6.61
CA GLU B 167 -14.95 -1.54 6.69
C GLU B 167 -14.31 -2.40 5.59
N LEU B 168 -14.94 -3.54 5.26
CA LEU B 168 -14.48 -4.36 4.14
C LEU B 168 -14.47 -3.54 2.85
N TRP B 169 -15.55 -2.79 2.61
CA TRP B 169 -15.64 -2.00 1.39
C TRP B 169 -14.53 -0.94 1.31
N GLN B 170 -14.15 -0.38 2.46
CA GLN B 170 -13.01 0.55 2.54
C GLN B 170 -11.71 -0.02 1.97
N GLN B 171 -11.49 -1.34 2.08
CA GLN B 171 -10.19 -1.90 1.59
C GLN B 171 -10.19 -2.38 0.14
N MET B 172 -11.34 -2.26 -0.51
CA MET B 172 -11.49 -2.70 -1.91
C MET B 172 -11.13 -1.56 -2.87
N VAL B 173 -10.35 -1.87 -3.91
CA VAL B 173 -9.77 -0.89 -4.82
C VAL B 173 -9.96 -1.31 -6.28
N PRO B 174 -9.85 -0.35 -7.22
CA PRO B 174 -9.81 -0.67 -8.64
C PRO B 174 -8.71 -1.67 -9.00
N ASP B 175 -8.99 -2.47 -10.02
CA ASP B 175 -8.14 -3.56 -10.42
C ASP B 175 -7.71 -3.35 -11.87
N TRP B 176 -6.39 -3.34 -12.08
CA TRP B 176 -5.80 -3.08 -13.41
C TRP B 176 -5.37 -4.39 -14.15
N LEU B 177 -5.75 -5.54 -13.61
CA LEU B 177 -5.32 -6.85 -14.16
C LEU B 177 -5.54 -6.94 -15.67
N GLY B 178 -6.73 -6.53 -16.11
CA GLY B 178 -7.14 -6.64 -17.50
C GLY B 178 -6.30 -5.85 -18.49
N SER B 179 -5.51 -4.90 -17.98
CA SER B 179 -4.68 -4.04 -18.83
C SER B 179 -3.20 -4.47 -18.87
N MET B 180 -2.93 -5.61 -18.25
CA MET B 180 -1.56 -6.16 -18.19
C MET B 180 -1.56 -7.54 -18.85
N PRO B 181 -0.37 -8.05 -19.25
CA PRO B 181 -0.32 -9.39 -19.87
C PRO B 181 -0.83 -10.56 -19.00
N THR B 182 -1.01 -11.71 -19.64
CA THR B 182 -1.22 -12.99 -18.97
C THR B 182 -0.10 -13.95 -19.42
N PRO B 183 0.69 -14.49 -18.47
CA PRO B 183 0.61 -14.25 -17.02
C PRO B 183 0.89 -12.81 -16.57
N ASN B 184 0.19 -12.40 -15.51
CA ASN B 184 0.47 -11.13 -14.83
C ASN B 184 1.97 -10.97 -14.56
N PRO B 185 2.52 -9.72 -14.67
CA PRO B 185 3.92 -9.51 -14.25
C PRO B 185 4.19 -9.92 -12.79
N THR B 186 3.15 -10.01 -11.97
CA THR B 186 3.33 -10.54 -10.61
C THR B 186 3.99 -11.95 -10.67
N VAL B 187 3.62 -12.73 -11.68
CA VAL B 187 4.11 -14.11 -11.79
C VAL B 187 5.63 -14.16 -11.87
N ALA B 188 6.24 -13.42 -12.79
CA ALA B 188 7.70 -13.36 -12.89
C ALA B 188 8.32 -12.75 -11.65
N ASN B 189 7.66 -11.75 -11.07
CA ASN B 189 8.17 -11.14 -9.84
C ASN B 189 8.20 -12.12 -8.66
N LEU B 190 7.23 -13.02 -8.61
CA LEU B 190 7.17 -14.01 -7.55
C LEU B 190 8.32 -15.04 -7.70
N SER B 191 8.68 -15.35 -8.94
CA SER B 191 9.84 -16.22 -9.21
C SER B 191 11.13 -15.55 -8.75
N LYS B 192 11.31 -14.28 -9.11
CA LYS B 192 12.49 -13.51 -8.63
C LYS B 192 12.57 -13.46 -7.11
N LEU B 193 11.44 -13.24 -6.45
CA LEU B 193 11.41 -13.20 -5.00
C LEU B 193 11.76 -14.56 -4.38
N ALA B 194 11.17 -15.63 -4.92
CA ALA B 194 11.43 -16.97 -4.39
C ALA B 194 12.91 -17.40 -4.53
N ILE B 195 13.50 -17.06 -5.67
CA ILE B 195 14.92 -17.34 -5.94
C ILE B 195 15.80 -16.56 -4.96
N LYS B 196 15.56 -15.26 -4.84
CA LYS B 196 16.27 -14.42 -3.87
C LYS B 196 16.16 -14.98 -2.45
N LEU B 197 14.96 -15.38 -2.03
CA LEU B 197 14.78 -15.94 -0.69
C LEU B 197 15.41 -17.34 -0.53
N ASP B 198 15.64 -18.02 -1.66
CA ASP B 198 16.12 -19.41 -1.69
C ASP B 198 15.14 -20.34 -0.96
N GLY B 199 13.86 -20.19 -1.25
CA GLY B 199 12.82 -21.06 -0.70
C GLY B 199 11.75 -20.28 0.04
N THR B 200 10.51 -20.31 -0.49
CA THR B 200 9.36 -19.71 0.18
C THR B 200 8.11 -20.51 -0.15
N VAL B 201 7.17 -20.53 0.77
CA VAL B 201 5.84 -21.03 0.49
C VAL B 201 5.04 -19.88 -0.12
N LEU B 202 4.47 -20.10 -1.29
CA LEU B 202 3.57 -19.12 -1.92
C LEU B 202 2.12 -19.42 -1.55
N LEU B 203 1.48 -18.46 -0.89
CA LEU B 203 0.09 -18.57 -0.46
C LEU B 203 -0.68 -17.48 -1.16
N SER B 204 -1.59 -17.87 -2.06
CA SER B 204 -2.36 -16.95 -2.91
C SER B 204 -3.87 -17.15 -2.76
N HIS B 205 -4.66 -16.36 -3.49
CA HIS B 205 -6.09 -16.26 -3.21
C HIS B 205 -6.88 -15.82 -4.44
N SER B 206 -7.88 -16.62 -4.83
CA SER B 206 -8.89 -16.19 -5.80
C SER B 206 -8.29 -15.83 -7.17
N GLN B 207 -8.38 -14.57 -7.58
CA GLN B 207 -7.69 -14.11 -8.81
C GLN B 207 -6.24 -14.58 -8.90
N SER B 208 -5.50 -14.51 -7.79
CA SER B 208 -4.09 -14.93 -7.79
C SER B 208 -3.87 -16.40 -7.44
N GLY B 209 -4.95 -17.15 -7.24
CA GLY B 209 -4.88 -18.58 -6.95
C GLY B 209 -4.00 -19.36 -7.93
N ILE B 210 -4.14 -19.05 -9.21
CA ILE B 210 -3.36 -19.68 -10.29
C ILE B 210 -1.91 -19.20 -10.36
N TYR B 211 -1.61 -18.00 -9.79
CA TYR B 211 -0.28 -17.40 -9.96
C TYR B 211 0.90 -18.34 -9.57
N PRO B 212 0.85 -18.98 -8.37
CA PRO B 212 2.02 -19.76 -7.94
C PRO B 212 2.29 -20.96 -8.86
N PHE B 213 1.24 -21.52 -9.45
CA PHE B 213 1.38 -22.62 -10.43
C PHE B 213 2.03 -22.13 -11.70
N GLN B 214 1.63 -20.94 -12.13
CA GLN B 214 2.24 -20.29 -13.30
C GLN B 214 3.70 -19.94 -13.07
N THR B 215 4.00 -19.45 -11.86
CA THR B 215 5.36 -19.17 -11.45
C THR B 215 6.19 -20.47 -11.47
N ALA B 216 5.65 -21.53 -10.88
CA ALA B 216 6.40 -22.81 -10.82
C ALA B 216 6.64 -23.39 -12.21
N ALA B 217 5.68 -23.20 -13.11
CA ALA B 217 5.81 -23.68 -14.49
C ALA B 217 6.88 -22.91 -15.26
N MET B 218 7.04 -21.62 -14.91
CA MET B 218 8.07 -20.78 -15.49
C MET B 218 9.46 -21.18 -14.96
N ASN B 219 9.57 -21.38 -13.65
CA ASN B 219 10.80 -21.78 -12.99
C ASN B 219 10.45 -22.32 -11.61
N PRO B 220 10.74 -23.62 -11.36
CA PRO B 220 10.36 -24.19 -10.06
C PRO B 220 11.26 -23.73 -8.91
N LYS B 221 12.44 -23.18 -9.22
CA LYS B 221 13.45 -22.82 -8.22
C LYS B 221 12.94 -21.88 -7.12
N GLY B 222 13.19 -22.24 -5.86
CA GLY B 222 12.81 -21.41 -4.71
C GLY B 222 11.38 -21.59 -4.21
N ILE B 223 10.58 -22.37 -4.93
CA ILE B 223 9.20 -22.61 -4.52
C ILE B 223 9.05 -23.86 -3.66
N THR B 224 8.97 -23.65 -2.34
CA THR B 224 8.97 -24.73 -1.38
C THR B 224 7.63 -25.49 -1.34
N ALA B 225 6.53 -24.75 -1.39
CA ALA B 225 5.18 -25.32 -1.39
C ALA B 225 4.21 -24.26 -1.91
N ILE B 226 3.03 -24.69 -2.34
CA ILE B 226 1.96 -23.79 -2.79
C ILE B 226 0.71 -24.01 -1.95
N VAL B 227 0.16 -22.90 -1.42
CA VAL B 227 -1.16 -22.93 -0.82
C VAL B 227 -2.02 -22.00 -1.68
N SER B 228 -3.11 -22.52 -2.24
CA SER B 228 -3.99 -21.72 -3.10
C SER B 228 -5.40 -21.68 -2.51
N VAL B 229 -5.80 -20.51 -2.03
CA VAL B 229 -7.08 -20.38 -1.33
C VAL B 229 -8.20 -19.97 -2.30
N GLU B 230 -9.20 -20.84 -2.45
CA GLU B 230 -10.33 -20.64 -3.39
C GLU B 230 -9.92 -19.98 -4.70
N PRO B 231 -9.02 -20.64 -5.47
CA PRO B 231 -8.55 -20.03 -6.71
C PRO B 231 -9.63 -19.89 -7.79
N GLY B 232 -9.53 -18.83 -8.60
CA GLY B 232 -10.43 -18.62 -9.73
C GLY B 232 -10.29 -19.75 -10.74
N GLU B 233 -9.08 -20.31 -10.84
CA GLU B 233 -8.84 -21.49 -11.64
C GLU B 233 -7.66 -22.27 -11.07
N CYS B 234 -7.77 -23.60 -11.14
CA CYS B 234 -6.66 -24.50 -10.85
C CYS B 234 -5.99 -24.90 -12.17
N PRO B 235 -4.74 -25.39 -12.13
CA PRO B 235 -4.17 -25.88 -13.39
C PRO B 235 -4.97 -27.06 -13.99
N LYS B 236 -4.96 -27.17 -15.31
CA LYS B 236 -5.58 -28.30 -16.03
C LYS B 236 -4.92 -29.63 -15.64
N PRO B 237 -5.72 -30.70 -15.56
CA PRO B 237 -5.16 -32.03 -15.29
C PRO B 237 -3.97 -32.39 -16.18
N GLU B 238 -3.95 -31.95 -17.44
CA GLU B 238 -2.84 -32.30 -18.34
C GLU B 238 -1.58 -31.48 -18.13
N ASP B 239 -1.62 -30.53 -17.19
CA ASP B 239 -0.52 -29.62 -16.97
C ASP B 239 0.25 -29.86 -15.67
N VAL B 240 -0.01 -30.99 -15.03
CA VAL B 240 0.50 -31.28 -13.68
C VAL B 240 1.97 -31.70 -13.60
N LYS B 241 2.56 -32.15 -14.71
CA LYS B 241 3.91 -32.73 -14.67
C LYS B 241 4.97 -31.80 -14.04
N PRO B 242 5.05 -30.52 -14.47
CA PRO B 242 6.03 -29.60 -13.86
C PRO B 242 5.78 -29.29 -12.37
N LEU B 243 4.63 -29.70 -11.85
CA LEU B 243 4.27 -29.44 -10.46
C LEU B 243 4.54 -30.59 -9.48
N THR B 244 4.99 -31.75 -10.00
CA THR B 244 5.06 -32.97 -9.16
C THR B 244 6.03 -32.96 -7.97
N SER B 245 7.02 -32.07 -8.02
CA SER B 245 7.99 -31.97 -6.93
C SER B 245 7.59 -30.98 -5.82
N ILE B 246 6.50 -30.25 -6.03
CA ILE B 246 6.08 -29.19 -5.09
C ILE B 246 4.79 -29.54 -4.38
N PRO B 247 4.83 -29.70 -3.04
CA PRO B 247 3.58 -29.97 -2.33
C PRO B 247 2.54 -28.86 -2.57
N VAL B 248 1.29 -29.24 -2.83
CA VAL B 248 0.21 -28.29 -3.14
C VAL B 248 -0.98 -28.50 -2.21
N LEU B 249 -1.47 -27.39 -1.64
CA LEU B 249 -2.72 -27.40 -0.87
C LEU B 249 -3.69 -26.39 -1.49
N VAL B 250 -4.89 -26.85 -1.85
CA VAL B 250 -5.96 -25.97 -2.34
C VAL B 250 -7.09 -25.97 -1.31
N VAL B 251 -7.50 -24.79 -0.86
CA VAL B 251 -8.43 -24.68 0.26
C VAL B 251 -9.76 -24.11 -0.18
N PHE B 252 -10.86 -24.78 0.18
CA PHE B 252 -12.20 -24.25 -0.07
C PHE B 252 -13.04 -24.11 1.19
N GLY B 253 -13.86 -23.08 1.23
CA GLY B 253 -14.69 -22.82 2.40
C GLY B 253 -16.06 -23.46 2.26
N ASP B 254 -17.08 -22.75 2.76
CA ASP B 254 -18.43 -23.32 2.85
C ASP B 254 -19.44 -22.61 1.93
N HIS B 255 -20.66 -23.15 1.88
CA HIS B 255 -21.74 -22.67 0.98
C HIS B 255 -21.33 -22.65 -0.48
N ILE B 256 -20.54 -23.62 -0.91
CA ILE B 256 -20.06 -23.64 -2.28
C ILE B 256 -21.13 -24.02 -3.34
N GLU B 257 -21.91 -25.07 -3.10
CA GLU B 257 -22.77 -25.63 -4.15
C GLU B 257 -23.90 -24.71 -4.58
N GLU B 258 -24.39 -23.87 -3.66
CA GLU B 258 -25.46 -22.94 -4.02
CA GLU B 258 -25.43 -22.88 -3.94
C GLU B 258 -25.01 -21.81 -4.96
N PHE B 259 -23.70 -21.68 -5.21
CA PHE B 259 -23.20 -20.62 -6.12
C PHE B 259 -22.58 -21.17 -7.41
N PRO B 260 -23.24 -20.91 -8.56
CA PRO B 260 -22.80 -21.35 -9.90
C PRO B 260 -21.39 -20.92 -10.27
N ARG B 261 -20.94 -19.81 -9.68
CA ARG B 261 -19.58 -19.31 -9.93
C ARG B 261 -18.56 -20.27 -9.28
N TRP B 262 -18.94 -20.81 -8.12
CA TRP B 262 -17.99 -21.52 -7.26
C TRP B 262 -18.02 -23.05 -7.38
N ALA B 263 -19.20 -23.64 -7.46
CA ALA B 263 -19.34 -25.10 -7.59
C ALA B 263 -18.42 -25.74 -8.65
N PRO B 264 -18.40 -25.21 -9.89
CA PRO B 264 -17.51 -25.85 -10.88
C PRO B 264 -16.03 -25.67 -10.60
N ARG B 265 -15.66 -24.64 -9.83
CA ARG B 265 -14.25 -24.42 -9.51
C ARG B 265 -13.73 -25.46 -8.51
N LEU B 266 -14.54 -25.76 -7.50
CA LEU B 266 -14.22 -26.82 -6.55
C LEU B 266 -14.08 -28.17 -7.27
N LYS B 267 -15.02 -28.44 -8.19
CA LYS B 267 -14.99 -29.66 -8.99
C LYS B 267 -13.72 -29.73 -9.83
N ALA B 268 -13.42 -28.65 -10.55
CA ALA B 268 -12.21 -28.57 -11.37
C ALA B 268 -10.92 -28.67 -10.55
N CYS B 269 -10.92 -28.08 -9.36
CA CYS B 269 -9.76 -28.21 -8.47
C CYS B 269 -9.54 -29.64 -7.92
N HIS B 270 -10.64 -30.35 -7.63
CA HIS B 270 -10.57 -31.78 -7.23
C HIS B 270 -9.90 -32.59 -8.33
N ALA B 271 -10.32 -32.34 -9.57
CA ALA B 271 -9.75 -32.98 -10.75
C ALA B 271 -8.26 -32.71 -10.87
N PHE B 272 -7.88 -31.44 -10.67
CA PHE B 272 -6.46 -31.07 -10.64
C PHE B 272 -5.68 -31.84 -9.57
N ILE B 273 -6.17 -31.83 -8.34
CA ILE B 273 -5.46 -32.49 -7.24
C ILE B 273 -5.31 -34.00 -7.54
N ASP B 274 -6.41 -34.62 -7.95
CA ASP B 274 -6.44 -36.06 -8.28
C ASP B 274 -5.41 -36.41 -9.36
N ALA B 275 -5.38 -35.62 -10.43
CA ALA B 275 -4.42 -35.81 -11.50
C ALA B 275 -2.98 -35.55 -11.05
N LEU B 276 -2.78 -34.55 -10.19
CA LEU B 276 -1.46 -34.27 -9.65
C LEU B 276 -0.95 -35.48 -8.84
N ASN B 277 -1.83 -36.01 -8.01
CA ASN B 277 -1.49 -37.16 -7.20
C ASN B 277 -1.25 -38.41 -8.06
N ALA B 278 -2.07 -38.60 -9.09
CA ALA B 278 -1.89 -39.72 -10.03
C ALA B 278 -0.56 -39.63 -10.77
N ALA B 279 -0.04 -38.41 -10.90
CA ALA B 279 1.17 -38.18 -11.69
C ALA B 279 2.44 -38.32 -10.82
N GLY B 280 2.22 -38.65 -9.55
CA GLY B 280 3.31 -38.83 -8.59
C GLY B 280 3.60 -37.61 -7.74
N GLY B 281 2.66 -36.66 -7.72
CA GLY B 281 2.86 -35.42 -6.97
C GLY B 281 2.30 -35.53 -5.58
N LYS B 282 2.18 -34.38 -4.90
CA LYS B 282 1.69 -34.33 -3.53
CA LYS B 282 1.61 -34.38 -3.56
C LYS B 282 0.68 -33.19 -3.36
N GLY B 283 -0.59 -33.45 -3.62
CA GLY B 283 -1.64 -32.44 -3.48
C GLY B 283 -2.73 -32.87 -2.53
N GLN B 284 -3.38 -31.88 -1.93
CA GLN B 284 -4.54 -32.10 -1.09
C GLN B 284 -5.55 -30.99 -1.35
N LEU B 285 -6.82 -31.37 -1.50
CA LEU B 285 -7.89 -30.40 -1.51
C LEU B 285 -8.52 -30.39 -0.13
N MET B 286 -8.24 -29.32 0.59
CA MET B 286 -8.80 -29.16 1.91
C MET B 286 -10.15 -28.44 1.78
N SER B 287 -11.23 -29.20 1.90
CA SER B 287 -12.56 -28.60 2.06
C SER B 287 -12.91 -28.45 3.53
N LEU B 288 -13.04 -27.20 3.99
CA LEU B 288 -13.26 -26.93 5.40
C LEU B 288 -14.52 -27.62 5.97
N PRO B 289 -15.66 -27.56 5.25
CA PRO B 289 -16.86 -28.25 5.73
C PRO B 289 -16.66 -29.76 5.91
N ALA B 290 -15.86 -30.36 5.04
CA ALA B 290 -15.55 -31.80 5.12
C ALA B 290 -14.72 -32.15 6.37
N LEU B 291 -14.00 -31.16 6.91
CA LEU B 291 -13.22 -31.27 8.16
C LEU B 291 -14.01 -30.81 9.37
N GLY B 292 -15.31 -30.56 9.18
CA GLY B 292 -16.19 -30.17 10.26
C GLY B 292 -16.09 -28.71 10.65
N VAL B 293 -15.54 -27.89 9.76
CA VAL B 293 -15.42 -26.45 9.97
C VAL B 293 -16.39 -25.77 8.99
N HIS B 294 -17.40 -25.10 9.53
CA HIS B 294 -18.50 -24.62 8.73
C HIS B 294 -18.62 -23.10 8.71
N GLY B 295 -19.23 -22.58 7.65
CA GLY B 295 -19.65 -21.18 7.58
C GLY B 295 -18.64 -20.22 6.94
N ASN B 296 -17.51 -20.76 6.50
CA ASN B 296 -16.46 -19.91 5.94
C ASN B 296 -16.83 -19.30 4.60
N SER B 297 -16.54 -18.01 4.48
CA SER B 297 -16.74 -17.25 3.25
C SER B 297 -15.49 -17.32 2.35
N HIS B 298 -15.57 -16.67 1.19
CA HIS B 298 -14.42 -16.52 0.31
C HIS B 298 -13.28 -15.73 1.01
N MET B 299 -13.65 -14.82 1.90
CA MET B 299 -12.67 -14.04 2.68
C MET B 299 -12.30 -14.75 3.99
N MET B 300 -11.92 -16.02 3.89
CA MET B 300 -11.73 -16.86 5.07
C MET B 300 -10.59 -16.40 5.98
N MET B 301 -9.60 -15.71 5.40
CA MET B 301 -8.50 -15.10 6.19
C MET B 301 -8.96 -13.96 7.11
N GLN B 302 -10.19 -13.49 6.88
CA GLN B 302 -10.80 -12.39 7.65
C GLN B 302 -11.98 -12.85 8.52
N ASP B 303 -12.42 -14.09 8.35
CA ASP B 303 -13.56 -14.66 9.07
C ASP B 303 -13.32 -14.74 10.58
N ARG B 304 -14.39 -14.96 11.35
CA ARG B 304 -14.30 -15.00 12.81
C ARG B 304 -13.44 -16.16 13.32
N ASN B 305 -13.34 -17.24 12.55
CA ASN B 305 -12.47 -18.35 12.89
C ASN B 305 -11.22 -18.36 12.01
N ASN B 306 -10.78 -17.18 11.57
CA ASN B 306 -9.64 -17.12 10.66
C ASN B 306 -8.35 -17.77 11.21
N LEU B 307 -8.15 -17.70 12.52
CA LEU B 307 -6.95 -18.31 13.14
C LEU B 307 -7.00 -19.86 13.15
N GLN B 308 -8.20 -20.40 13.28
CA GLN B 308 -8.41 -21.86 13.14
C GLN B 308 -8.14 -22.30 11.70
N VAL B 309 -8.60 -21.51 10.73
CA VAL B 309 -8.28 -21.80 9.34
C VAL B 309 -6.76 -21.70 9.12
N ALA B 310 -6.14 -20.66 9.67
CA ALA B 310 -4.69 -20.53 9.62
C ALA B 310 -4.00 -21.77 10.20
N ASP B 311 -4.43 -22.21 11.39
CA ASP B 311 -3.82 -23.42 12.02
C ASP B 311 -3.83 -24.64 11.11
N LEU B 312 -4.96 -24.88 10.45
CA LEU B 312 -5.10 -26.02 9.53
C LEU B 312 -4.09 -25.91 8.40
N ILE B 313 -3.96 -24.71 7.85
CA ILE B 313 -3.01 -24.49 6.74
C ILE B 313 -1.57 -24.64 7.24
N LEU B 314 -1.27 -24.03 8.39
CA LEU B 314 0.08 -24.07 8.96
C LEU B 314 0.48 -25.50 9.36
N ASP B 315 -0.49 -26.29 9.82
CA ASP B 315 -0.19 -27.69 10.12
C ASP B 315 0.20 -28.44 8.85
N TRP B 316 -0.51 -28.18 7.75
CA TRP B 316 -0.16 -28.77 6.48
C TRP B 316 1.21 -28.30 5.99
N ILE B 317 1.52 -27.02 6.16
CA ILE B 317 2.84 -26.49 5.77
C ILE B 317 4.00 -27.17 6.54
N GLY B 318 3.82 -27.27 7.86
CA GLY B 318 4.81 -27.90 8.74
C GLY B 318 5.11 -29.34 8.36
N ARG B 319 4.06 -30.10 8.06
CA ARG B 319 4.20 -31.50 7.65
C ARG B 319 4.78 -31.65 6.25
N ASN B 320 4.70 -30.61 5.44
CA ASN B 320 5.15 -30.72 4.05
C ASN B 320 6.41 -29.95 3.71
N THR B 321 7.06 -29.37 4.71
CA THR B 321 8.30 -28.64 4.49
C THR B 321 9.44 -29.14 5.40
N ALA B 322 9.21 -30.28 6.06
CA ALA B 322 10.16 -30.83 7.04
C ALA B 322 11.49 -31.22 6.42
O1 W22 C . 5.35 16.29 -3.56
C9 W22 C . 6.33 16.51 -4.28
C10 W22 C . 6.45 17.76 -5.14
C11 W22 C . 5.45 18.87 -4.76
C12 W22 C . 5.93 20.19 -5.31
O3 W22 C . 7.16 20.40 -5.47
O2 W22 C . 5.08 21.05 -5.62
N1 W22 C . 7.38 15.67 -4.32
C8 W22 C . 7.45 14.44 -3.53
C7 W22 C . 8.54 15.93 -5.16
C4 W22 C . 8.20 15.86 -6.62
C5 W22 C . 7.17 16.59 -7.24
N2 W22 C . 6.34 17.46 -6.56
C3 W22 C . 8.99 14.98 -7.38
C2 W22 C . 8.74 14.83 -8.72
C1 W22 C . 7.72 15.55 -9.35
C6 W22 C . 6.94 16.44 -8.61
S SO4 D . 3.07 -1.53 27.09
O1 SO4 D . 3.68 -2.59 26.29
O2 SO4 D . 4.14 -0.75 27.70
O3 SO4 D . 2.20 -2.12 28.09
O4 SO4 D . 2.26 -0.68 26.25
S SO4 E . -7.28 -1.69 15.05
O1 SO4 E . -8.53 -1.44 14.31
O2 SO4 E . -6.21 -2.06 14.13
O3 SO4 E . -6.92 -0.46 15.75
O4 SO4 E . -7.48 -2.81 15.98
C1 GOL F . 21.01 26.96 -0.16
O1 GOL F . 20.86 25.82 0.69
C2 GOL F . 22.21 26.95 -1.12
O2 GOL F . 23.08 25.85 -0.99
C3 GOL F . 21.78 27.13 -2.55
O3 GOL F . 22.50 26.34 -3.46
C1 GOL G . 21.31 -0.26 -3.22
O1 GOL G . 21.88 -0.34 -4.51
C2 GOL G . 20.69 -1.60 -2.82
O2 GOL G . 21.06 -1.91 -1.49
C3 GOL G . 19.17 -1.52 -2.95
O3 GOL G . 18.50 -1.92 -1.76
C1 GOL H . 17.88 -2.26 8.16
O1 GOL H . 18.25 -1.97 9.50
C2 GOL H . 16.42 -2.72 8.11
O2 GOL H . 15.69 -2.27 9.25
C3 GOL H . 15.76 -2.28 6.81
O3 GOL H . 14.35 -2.13 6.92
S SO4 I . -3.93 27.48 5.79
O1 SO4 I . -4.05 28.91 5.49
O2 SO4 I . -2.76 26.95 5.11
O3 SO4 I . -3.77 27.33 7.24
O4 SO4 I . -5.14 26.79 5.36
S SO4 J . 16.11 20.18 27.55
O1 SO4 J . 15.09 21.08 27.02
O2 SO4 J . 16.29 19.07 26.61
O3 SO4 J . 17.35 20.89 27.70
O4 SO4 J . 15.71 19.70 28.87
C1 GOL K . -17.92 10.78 -27.16
O1 GOL K . -17.93 12.02 -27.85
C2 GOL K . -19.19 10.58 -26.33
O2 GOL K . -19.47 11.75 -25.62
C3 GOL K . -20.40 10.25 -27.19
O3 GOL K . -21.50 9.94 -26.36
O1 W22 L . -10.24 -12.28 -6.91
C9 W22 L . -11.43 -12.30 -6.62
C10 W22 L . -12.47 -12.81 -7.59
C11 W22 L . -11.84 -13.61 -8.73
C12 W22 L . -12.89 -14.52 -9.36
O3 W22 L . -13.85 -14.96 -8.67
O2 W22 L . -12.76 -14.81 -10.56
N1 W22 L . -11.88 -11.89 -5.43
C8 W22 L . -11.02 -11.42 -4.33
C7 W22 L . -13.31 -11.86 -5.12
C4 W22 L . -14.10 -10.89 -6.00
C5 W22 L . -14.08 -10.91 -7.41
N2 W22 L . -13.34 -11.79 -8.15
C3 W22 L . -14.90 -9.95 -5.33
C2 W22 L . -15.65 -9.05 -6.04
C1 W22 L . -15.64 -9.06 -7.44
C6 W22 L . -14.85 -9.99 -8.12
S SO4 M . 17.27 -14.31 15.65
O1 SO4 M . 16.48 -13.18 16.15
O2 SO4 M . 18.61 -14.25 16.25
O3 SO4 M . 17.40 -14.25 14.21
O4 SO4 M . 16.63 -15.57 16.04
C1 GOL N . -23.63 -25.75 -0.78
O1 GOL N . -24.32 -24.55 -0.52
C2 GOL N . -22.80 -26.30 0.37
O2 GOL N . -22.95 -25.51 1.54
C3 GOL N . -21.37 -26.68 -0.02
O3 GOL N . -20.33 -26.15 0.83
C1 GOL O . -27.50 -22.30 5.90
O1 GOL O . -26.52 -23.00 6.63
C2 GOL O . -27.59 -20.84 6.36
O2 GOL O . -27.19 -20.75 7.72
C3 GOL O . -29.02 -20.33 6.20
O3 GOL O . -29.04 -18.93 6.38
S SO4 P . 15.86 -4.86 2.90
O1 SO4 P . 14.72 -4.23 3.54
O2 SO4 P . 16.00 -4.38 1.53
O3 SO4 P . 17.04 -4.51 3.67
O4 SO4 P . 15.71 -6.30 2.85
C1 GOL Q . -5.42 -7.09 17.52
O1 GOL Q . -4.95 -8.34 17.98
C2 GOL Q . -4.39 -6.39 16.61
O2 GOL Q . -3.21 -7.15 16.41
C3 GOL Q . -5.03 -5.92 15.31
O3 GOL Q . -4.06 -5.54 14.33
S SO4 R . 3.48 -34.87 12.80
O1 SO4 R . 2.19 -34.48 12.27
O2 SO4 R . 4.29 -35.49 11.76
O3 SO4 R . 4.17 -33.68 13.32
O4 SO4 R . 3.30 -35.81 13.91
#